data_7LJ2
#
_entry.id   7LJ2
#
_cell.length_a   89.670
_cell.length_b   89.670
_cell.length_c   267.060
_cell.angle_alpha   90.000
_cell.angle_beta   90.000
_cell.angle_gamma   90.000
#
_symmetry.space_group_name_H-M   'P 41 21 2'
#
loop_
_entity.id
_entity.type
_entity.pdbx_description
1 polymer Exo-L-galactose-6-sulfatase
2 branched 6-O-sulfo-alpha-L-galactopyranose-(1-3)-beta-D-galactopyranose
3 non-polymer 'CALCIUM ION'
4 non-polymer 'SODIUM ION'
5 water water
#
_entity_poly.entity_id   1
_entity_poly.type   'polypeptide(L)'
_entity_poly.pdbx_seq_one_letter_code
;MGSSHHHHHHSSGLVPRGSHMAQEKPMNVIFIMSDDHTSQAIGAYGSHLAKLNPTPNIDELASDGVVFDNCFCTNSISTP
SRACIMTGQYSHHNEVLTLDEKLDVDRQYLVKEFSKMGYQTAMVGKWHLKNEPANFDYYKVLNGHGGQGEYFNPTFLTNE
ISNKEWPKNQVKTNGYSSDVITNITIDWLKNRRDKNKPFFLMHHYKAPHDMFEYAPRYKYYLEDTEVPVPESLYNQDGWG
SEATRGKNDSLRHFIGTSISRRHENRSYAEDYKINTGDPKKDTYEAYQRYLKDYLRCVKGVDDNLKRLFDYLKKEGLWEN
TIIVYTGDQGMMLGEHDLQDKRWMYDESMRMPFIVRDPKSKQRGVHNDLMINNIDFAPTLIELAGGKAPKYMDGKSFADV
FEGKTPANWKDEVYYRYWMHMIHHDIPAHIGIRTKDYKLILFYGRHYDEKTMGTPSMWWLRDKGSHKVVQTPVAFELYDL
KKDPMEMKNVANDPEYKDVLKDMKVRLAKLREKVGDTDEKYPKIKAIIDNALK
;
_entity_poly.pdbx_strand_id   A,B
#
loop_
_chem_comp.id
_chem_comp.type
_chem_comp.name
_chem_comp.formula
CA non-polymer 'CALCIUM ION' 'Ca 2'
GAL D-saccharide, beta linking beta-D-galactopyranose 'C6 H12 O6'
L6S L-saccharide, alpha linking 6-O-sulfo-alpha-L-galactopyranose 'C6 H12 O9 S'
NA non-polymer 'SODIUM ION' 'Na 1'
#
# COMPACT_ATOMS: atom_id res chain seq x y z
N MET A 27 25.87 -14.91 4.95
CA MET A 27 24.91 -14.11 5.69
C MET A 27 24.01 -15.00 6.53
N ASN A 28 23.44 -14.41 7.58
CA ASN A 28 22.51 -15.14 8.43
C ASN A 28 21.22 -15.45 7.68
N VAL A 29 20.55 -16.51 8.11
CA VAL A 29 19.28 -16.94 7.53
C VAL A 29 18.30 -17.22 8.66
N ILE A 30 17.14 -16.56 8.62
CA ILE A 30 16.03 -16.86 9.51
C ILE A 30 14.87 -17.31 8.64
N PHE A 31 14.49 -18.58 8.77
CA PHE A 31 13.40 -19.16 7.99
C PHE A 31 12.18 -19.22 8.90
N ILE A 32 11.23 -18.32 8.67
CA ILE A 32 10.01 -18.23 9.48
C ILE A 32 8.88 -18.93 8.72
N MET A 33 8.25 -19.89 9.39
CA MET A 33 7.13 -20.62 8.82
C MET A 33 6.00 -20.71 9.83
N SER A 34 4.79 -20.40 9.38
CA SER A 34 3.60 -20.52 10.21
C SER A 34 2.77 -21.71 9.76
N ASP A 35 1.86 -22.13 10.64
CA ASP A 35 1.10 -23.36 10.47
C ASP A 35 -0.28 -23.02 9.91
N ASP A 36 -0.51 -23.38 8.65
CA ASP A 36 -1.77 -23.15 7.94
C ASP A 36 -2.02 -21.67 7.66
N HIS A 37 -1.00 -20.83 7.69
CA HIS A 37 -1.17 -19.43 7.33
C HIS A 37 -1.19 -19.33 5.81
N THR A 38 -2.38 -19.20 5.24
CA THR A 38 -2.57 -19.23 3.79
C THR A 38 -2.44 -17.84 3.20
N SER A 39 -2.32 -17.79 1.87
CA SER A 39 -1.96 -16.55 1.19
C SER A 39 -3.10 -15.53 1.18
N GLN A 40 -4.36 -16.00 1.24
CA GLN A 40 -5.47 -15.06 1.28
C GLN A 40 -5.46 -14.22 2.56
N ALA A 41 -4.92 -14.77 3.65
CA ALA A 41 -4.88 -14.09 4.93
C ALA A 41 -3.58 -13.31 5.13
N ILE A 42 -2.91 -12.91 4.05
CA ILE A 42 -1.75 -12.04 4.11
C ILE A 42 -2.01 -10.88 3.17
N GLY A 43 -2.03 -9.65 3.73
CA GLY A 43 -2.46 -8.50 2.96
C GLY A 43 -1.62 -8.24 1.72
N ALA A 44 -0.34 -8.61 1.75
CA ALA A 44 0.54 -8.37 0.61
C ALA A 44 0.10 -9.16 -0.62
N TYR A 45 -0.74 -10.18 -0.46
CA TYR A 45 -1.25 -10.94 -1.59
C TYR A 45 -2.58 -10.41 -2.11
N GLY A 46 -3.20 -9.46 -1.41
CA GLY A 46 -4.29 -8.69 -1.97
C GLY A 46 -5.56 -9.46 -2.24
N SER A 47 -5.84 -10.49 -1.44
CA SER A 47 -7.10 -11.20 -1.59
C SER A 47 -8.24 -10.32 -1.08
N HIS A 48 -9.48 -10.82 -1.21
CA HIS A 48 -10.63 -10.08 -0.71
C HIS A 48 -10.54 -9.80 0.78
N LEU A 49 -9.77 -10.60 1.53
CA LEU A 49 -9.56 -10.37 2.95
C LEU A 49 -8.62 -9.21 3.23
N ALA A 50 -7.92 -8.70 2.22
CA ALA A 50 -6.84 -7.74 2.45
C ALA A 50 -7.34 -6.41 3.00
N LYS A 51 -8.61 -6.06 2.79
CA LYS A 51 -9.12 -4.80 3.34
C LYS A 51 -9.23 -4.83 4.85
N LEU A 52 -9.12 -6.00 5.47
CA LEU A 52 -9.07 -6.11 6.93
C LEU A 52 -7.70 -5.77 7.50
N ASN A 53 -6.68 -5.64 6.66
CA ASN A 53 -5.31 -5.39 7.09
C ASN A 53 -4.86 -6.42 8.11
N PRO A 54 -4.86 -7.72 7.76
CA PRO A 54 -4.62 -8.76 8.77
C PRO A 54 -3.16 -8.94 9.15
N THR A 55 -2.21 -8.59 8.27
CA THR A 55 -0.78 -8.82 8.52
C THR A 55 0.01 -7.57 8.20
N PRO A 56 -0.16 -6.49 8.96
CA PRO A 56 0.58 -5.26 8.65
C PRO A 56 2.09 -5.41 8.78
N ASN A 57 2.57 -6.24 9.72
CA ASN A 57 4.01 -6.38 9.90
C ASN A 57 4.62 -7.30 8.85
N ILE A 58 3.92 -8.39 8.50
CA ILE A 58 4.38 -9.24 7.41
C ILE A 58 4.43 -8.46 6.11
N ASP A 59 3.43 -7.60 5.88
CA ASP A 59 3.37 -6.80 4.66
C ASP A 59 4.51 -5.80 4.60
N GLU A 60 4.93 -5.25 5.75
CA GLU A 60 6.07 -4.33 5.77
C GLU A 60 7.34 -5.04 5.35
N LEU A 61 7.55 -6.27 5.85
CA LEU A 61 8.67 -7.08 5.39
C LEU A 61 8.59 -7.33 3.90
N ALA A 62 7.38 -7.57 3.38
CA ALA A 62 7.20 -7.79 1.96
C ALA A 62 7.46 -6.53 1.14
N SER A 63 7.21 -5.36 1.72
CA SER A 63 7.45 -4.10 1.02
C SER A 63 8.93 -3.80 0.84
N ASP A 64 9.81 -4.54 1.52
CA ASP A 64 11.26 -4.42 1.34
C ASP A 64 11.87 -5.74 0.87
N GLY A 65 11.07 -6.60 0.23
CA GLY A 65 11.56 -7.86 -0.26
C GLY A 65 10.79 -8.33 -1.49
N VAL A 66 10.80 -9.64 -1.73
CA VAL A 66 10.15 -10.22 -2.90
C VAL A 66 8.94 -11.02 -2.45
N VAL A 67 7.80 -10.77 -3.09
CA VAL A 67 6.59 -11.57 -2.90
C VAL A 67 6.48 -12.49 -4.11
N PHE A 68 6.63 -13.79 -3.88
CA PHE A 68 6.52 -14.78 -4.95
C PHE A 68 5.04 -15.15 -5.12
N ASP A 69 4.47 -14.74 -6.27
CA ASP A 69 3.05 -14.95 -6.51
C ASP A 69 2.71 -16.39 -6.87
N ASN A 70 3.68 -17.17 -7.35
CA ASN A 70 3.39 -18.53 -7.79
C ASN A 70 4.28 -19.55 -7.06
N CYS A 71 4.18 -19.60 -5.74
CA CYS A 71 4.86 -20.61 -4.94
C CYS A 71 3.84 -21.66 -4.51
N PHE A 72 4.18 -22.94 -4.69
CA PHE A 72 3.20 -24.01 -4.53
C PHE A 72 3.76 -25.15 -3.70
N CYS A 73 2.89 -25.74 -2.89
CA CYS A 73 3.20 -26.97 -2.20
C CYS A 73 3.12 -28.15 -3.17
N THR A 74 3.98 -29.13 -2.95
CA THR A 74 3.89 -30.38 -3.69
C THR A 74 2.98 -31.40 -3.02
N ASN A 75 2.62 -31.16 -1.75
CA ASN A 75 1.83 -32.07 -0.95
C ASN A 75 1.32 -31.32 0.28
N SER A 76 0.09 -30.82 0.22
CA SER A 76 -0.39 -29.83 1.19
C SER A 76 -0.85 -30.50 2.48
N ILE A 77 0.13 -30.95 3.26
CA ILE A 77 -0.06 -31.26 4.67
C ILE A 77 1.26 -30.98 5.38
N SER A 78 1.18 -30.80 6.71
CA SER A 78 2.30 -30.27 7.47
C SER A 78 3.54 -31.13 7.33
N THR A 79 3.47 -32.38 7.81
CA THR A 79 4.66 -33.24 7.82
C THR A 79 5.23 -33.48 6.43
N PRO A 80 4.44 -33.81 5.39
CA PRO A 80 5.04 -33.92 4.05
C PRO A 80 5.65 -32.63 3.56
N SER A 81 4.96 -31.50 3.73
CA SER A 81 5.50 -30.22 3.26
C SER A 81 6.76 -29.86 4.02
N ARG A 82 6.77 -30.05 5.34
CA ARG A 82 7.97 -29.78 6.13
C ARG A 82 9.11 -30.72 5.76
N ALA A 83 8.78 -31.92 5.28
CA ALA A 83 9.82 -32.84 4.81
C ALA A 83 10.37 -32.40 3.47
N CYS A 84 9.51 -31.91 2.57
CA CYS A 84 9.99 -31.42 1.28
C CYS A 84 10.91 -30.22 1.46
N ILE A 85 10.58 -29.34 2.41
CA ILE A 85 11.42 -28.17 2.66
C ILE A 85 12.78 -28.61 3.19
N MET A 86 12.79 -29.53 4.15
CA MET A 86 14.04 -29.94 4.79
C MET A 86 14.94 -30.70 3.83
N THR A 87 14.36 -31.52 2.95
CA THR A 87 15.14 -32.37 2.07
C THR A 87 15.34 -31.80 0.68
N GLY A 88 14.48 -30.90 0.24
CA GLY A 88 14.53 -30.46 -1.15
C GLY A 88 14.18 -31.56 -2.13
N GLN A 89 13.39 -32.54 -1.68
CA GLN A 89 13.01 -33.69 -2.50
C GLN A 89 11.51 -33.90 -2.40
N TYR A 90 10.93 -34.48 -3.46
CA TYR A 90 9.54 -34.83 -3.46
C TYR A 90 9.24 -35.85 -2.35
N SER A 91 7.94 -36.05 -2.09
CA SER A 91 7.53 -36.95 -1.01
C SER A 91 7.94 -38.39 -1.30
N HIS A 92 7.79 -38.85 -2.55
CA HIS A 92 8.12 -40.22 -2.88
C HIS A 92 9.61 -40.51 -2.81
N HIS A 93 10.45 -39.47 -2.76
CA HIS A 93 11.89 -39.66 -2.58
C HIS A 93 12.31 -39.60 -1.13
N ASN A 94 11.71 -38.70 -0.34
CA ASN A 94 11.99 -38.65 1.09
C ASN A 94 11.11 -39.60 1.89
N GLU A 95 10.16 -40.28 1.24
CA GLU A 95 9.28 -41.29 1.82
C GLU A 95 8.31 -40.72 2.86
N VAL A 96 8.20 -39.40 2.98
CA VAL A 96 7.23 -38.79 3.91
C VAL A 96 6.01 -38.45 3.07
N LEU A 97 5.15 -39.45 2.90
CA LEU A 97 3.99 -39.29 2.02
C LEU A 97 2.86 -38.55 2.71
N THR A 98 2.60 -38.85 3.97
CA THR A 98 1.43 -38.32 4.68
C THR A 98 1.87 -37.85 6.06
N LEU A 99 0.88 -37.57 6.92
CA LEU A 99 1.13 -37.25 8.32
C LEU A 99 1.55 -38.47 9.13
N ASP A 100 1.41 -39.67 8.57
CA ASP A 100 1.70 -40.90 9.29
C ASP A 100 3.16 -41.31 9.23
N GLU A 101 3.95 -40.74 8.33
CA GLU A 101 5.33 -41.16 8.14
C GLU A 101 6.28 -40.29 8.95
N LYS A 102 7.53 -40.75 9.05
CA LYS A 102 8.60 -40.06 9.73
C LYS A 102 9.67 -39.64 8.73
N LEU A 103 10.33 -38.52 9.03
CA LEU A 103 11.53 -38.13 8.30
C LEU A 103 12.75 -38.70 9.01
N ASP A 104 13.58 -39.43 8.26
CA ASP A 104 14.80 -39.99 8.83
C ASP A 104 15.70 -38.87 9.33
N VAL A 105 16.38 -39.13 10.45
CA VAL A 105 17.34 -38.16 10.98
C VAL A 105 18.43 -37.87 9.96
N ASP A 106 18.85 -38.90 9.22
N ASP A 106 18.87 -38.90 9.22
CA ASP A 106 19.89 -38.73 8.20
CA ASP A 106 19.90 -38.71 8.22
C ASP A 106 19.44 -37.85 7.05
C ASP A 106 19.43 -37.96 6.99
N ARG A 107 18.13 -37.66 6.89
CA ARG A 107 17.58 -36.91 5.76
C ARG A 107 17.40 -35.43 6.07
N GLN A 108 17.95 -34.93 7.17
CA GLN A 108 17.88 -33.52 7.51
C GLN A 108 18.94 -32.75 6.70
N TYR A 109 18.66 -32.65 5.40
CA TYR A 109 19.66 -32.15 4.46
C TYR A 109 19.86 -30.65 4.59
N LEU A 110 18.79 -29.90 4.79
CA LEU A 110 18.89 -28.44 4.79
C LEU A 110 19.77 -27.94 5.92
N VAL A 111 19.52 -28.42 7.15
CA VAL A 111 20.32 -27.97 8.29
C VAL A 111 21.75 -28.49 8.16
N LYS A 112 21.93 -29.73 7.68
CA LYS A 112 23.27 -30.29 7.53
C LYS A 112 24.09 -29.51 6.52
N GLU A 113 23.46 -29.07 5.42
CA GLU A 113 24.19 -28.30 4.42
C GLU A 113 24.59 -26.93 4.94
N PHE A 114 23.84 -26.36 5.87
CA PHE A 114 24.25 -25.10 6.47
C PHE A 114 25.35 -25.30 7.50
N SER A 115 25.30 -26.43 8.22
CA SER A 115 26.38 -26.74 9.16
C SER A 115 27.69 -26.97 8.43
N LYS A 116 27.62 -27.57 7.24
CA LYS A 116 28.82 -27.72 6.42
C LYS A 116 29.44 -26.38 6.08
N MET A 117 28.62 -25.33 5.92
CA MET A 117 29.11 -24.00 5.56
C MET A 117 29.59 -23.20 6.77
N GLY A 118 29.72 -23.82 7.94
CA GLY A 118 30.20 -23.14 9.13
C GLY A 118 29.14 -22.45 9.96
N TYR A 119 27.85 -22.66 9.64
CA TYR A 119 26.78 -22.00 10.37
C TYR A 119 26.46 -22.74 11.66
N GLN A 120 26.14 -21.97 12.70
CA GLN A 120 25.44 -22.52 13.84
C GLN A 120 23.96 -22.61 13.51
N THR A 121 23.33 -23.70 13.91
CA THR A 121 21.97 -24.01 13.49
C THR A 121 21.06 -24.14 14.70
N ALA A 122 19.82 -23.65 14.57
CA ALA A 122 18.85 -23.70 15.65
C ALA A 122 17.47 -23.93 15.07
N MET A 123 16.65 -24.68 15.82
CA MET A 123 15.30 -25.04 15.41
C MET A 123 14.36 -24.73 16.56
N VAL A 124 13.38 -23.88 16.32
CA VAL A 124 12.47 -23.39 17.36
C VAL A 124 11.05 -23.46 16.84
N GLY A 125 10.14 -24.01 17.66
CA GLY A 125 8.73 -24.00 17.34
C GLY A 125 8.17 -25.35 16.92
N LYS A 126 7.28 -25.34 15.94
CA LYS A 126 6.64 -26.58 15.49
C LYS A 126 7.63 -27.37 14.63
N TRP A 127 7.87 -28.62 15.02
CA TRP A 127 8.79 -29.50 14.30
C TRP A 127 8.00 -30.42 13.38
N HIS A 128 7.20 -31.30 13.98
CA HIS A 128 6.27 -32.17 13.25
C HIS A 128 6.97 -33.08 12.24
N LEU A 129 8.24 -33.41 12.51
CA LEU A 129 8.97 -34.39 11.71
C LEU A 129 9.29 -35.65 12.51
N LYS A 130 8.60 -35.85 13.63
CA LYS A 130 8.60 -37.08 14.41
C LYS A 130 9.94 -37.36 15.08
N ASN A 131 11.00 -37.50 14.29
CA ASN A 131 12.30 -37.84 14.84
C ASN A 131 13.00 -36.62 15.41
N GLU A 132 14.10 -36.86 16.12
CA GLU A 132 14.82 -35.79 16.79
C GLU A 132 15.47 -34.85 15.77
N PRO A 133 15.49 -33.54 16.05
CA PRO A 133 16.30 -32.61 15.24
C PRO A 133 17.77 -32.66 15.63
N ALA A 134 18.35 -33.86 15.54
CA ALA A 134 19.69 -34.09 16.08
C ALA A 134 20.75 -33.31 15.33
N ASN A 135 20.53 -33.02 14.05
CA ASN A 135 21.50 -32.26 13.26
C ASN A 135 21.46 -30.77 13.53
N PHE A 136 20.64 -30.33 14.49
CA PHE A 136 20.63 -28.95 14.94
C PHE A 136 21.48 -28.82 16.19
N ASP A 137 22.30 -27.76 16.24
CA ASP A 137 23.06 -27.48 17.46
C ASP A 137 22.14 -27.17 18.62
N TYR A 138 21.04 -26.46 18.35
CA TYR A 138 20.04 -26.11 19.34
C TYR A 138 18.67 -26.42 18.77
N TYR A 139 17.82 -27.06 19.56
CA TYR A 139 16.43 -27.24 19.18
C TYR A 139 15.55 -27.11 20.42
N LYS A 140 14.36 -26.55 20.22
CA LYS A 140 13.36 -26.40 21.28
C LYS A 140 12.00 -26.43 20.57
N VAL A 141 11.48 -27.63 20.37
CA VAL A 141 10.36 -27.85 19.47
C VAL A 141 9.14 -28.34 20.24
N LEU A 142 7.97 -28.09 19.67
CA LEU A 142 6.72 -28.48 20.29
C LEU A 142 6.60 -30.01 20.34
N ASN A 143 5.83 -30.49 21.32
CA ASN A 143 5.84 -31.91 21.64
C ASN A 143 4.44 -32.52 21.64
N GLY A 144 3.54 -31.97 22.45
CA GLY A 144 2.26 -32.59 22.68
C GLY A 144 1.35 -32.61 21.48
N HIS A 145 0.30 -33.43 21.59
CA HIS A 145 -0.74 -33.57 20.56
C HIS A 145 -0.14 -34.01 19.23
N GLY A 146 0.73 -35.03 19.29
CA GLY A 146 1.35 -35.57 18.08
C GLY A 146 2.25 -34.60 17.36
N GLY A 147 2.91 -33.69 18.08
CA GLY A 147 3.75 -32.69 17.46
C GLY A 147 3.06 -31.40 17.10
N GLN A 148 1.75 -31.30 17.36
CA GLN A 148 1.02 -30.06 17.07
C GLN A 148 1.18 -29.02 18.17
N GLY A 149 1.50 -29.45 19.39
CA GLY A 149 1.67 -28.53 20.49
C GLY A 149 0.36 -28.05 21.08
N GLU A 150 0.49 -27.16 22.06
N GLU A 150 0.48 -27.18 22.08
CA GLU A 150 -0.64 -26.58 22.77
CA GLU A 150 -0.66 -26.58 22.73
C GLU A 150 -0.60 -25.06 22.63
C GLU A 150 -0.59 -25.06 22.58
N TYR A 151 -1.77 -24.43 22.53
CA TYR A 151 -1.82 -22.98 22.39
C TYR A 151 -1.47 -22.28 23.71
N PHE A 152 -1.71 -22.94 24.84
CA PHE A 152 -1.48 -22.34 26.15
C PHE A 152 -0.59 -23.24 26.98
N ASN A 153 0.46 -22.65 27.56
CA ASN A 153 1.46 -23.37 28.32
C ASN A 153 2.01 -24.58 27.56
N PRO A 154 2.58 -24.38 26.37
CA PRO A 154 3.06 -25.51 25.59
C PRO A 154 4.31 -26.12 26.19
N THR A 155 4.45 -27.43 26.01
CA THR A 155 5.64 -28.16 26.43
C THR A 155 6.55 -28.38 25.23
N PHE A 156 7.85 -28.32 25.46
CA PHE A 156 8.83 -28.43 24.40
C PHE A 156 9.81 -29.57 24.68
N LEU A 157 10.33 -30.15 23.60
CA LEU A 157 11.49 -31.03 23.67
C LEU A 157 12.70 -30.23 23.18
N THR A 158 13.72 -30.17 24.02
CA THR A 158 14.88 -29.34 23.74
C THR A 158 16.14 -30.03 24.23
N ASN A 159 17.27 -29.65 23.62
CA ASN A 159 18.57 -30.18 24.03
C ASN A 159 19.34 -29.19 24.89
N GLU A 160 18.68 -28.16 25.42
CA GLU A 160 19.23 -27.43 26.55
C GLU A 160 19.07 -28.21 27.84
N ILE A 161 18.14 -29.16 27.88
CA ILE A 161 18.10 -30.19 28.91
C ILE A 161 18.83 -31.39 28.31
N SER A 162 20.16 -31.39 28.47
CA SER A 162 21.02 -32.42 27.92
C SER A 162 21.28 -33.56 28.89
N ASN A 163 20.74 -33.49 30.10
CA ASN A 163 20.82 -34.59 31.05
C ASN A 163 19.74 -35.65 30.80
N LYS A 164 18.85 -35.42 29.85
CA LYS A 164 17.88 -36.41 29.38
C LYS A 164 18.08 -36.61 27.88
N GLU A 165 17.26 -37.48 27.30
CA GLU A 165 17.36 -37.79 25.88
C GLU A 165 15.99 -37.76 25.22
N TRP A 166 16.00 -37.53 23.91
CA TRP A 166 14.77 -37.48 23.14
C TRP A 166 14.03 -38.82 23.25
N PRO A 167 12.71 -38.81 23.44
CA PRO A 167 11.85 -37.62 23.59
C PRO A 167 11.43 -37.34 25.03
N LYS A 168 12.36 -37.47 25.98
CA LYS A 168 12.06 -37.24 27.39
C LYS A 168 12.61 -35.91 27.90
N ASN A 169 13.26 -35.13 27.04
CA ASN A 169 13.88 -33.86 27.43
C ASN A 169 12.85 -32.74 27.29
N GLN A 170 11.90 -32.72 28.22
CA GLN A 170 10.72 -31.86 28.14
C GLN A 170 10.82 -30.72 29.15
N VAL A 171 10.48 -29.52 28.69
CA VAL A 171 10.34 -28.35 29.55
C VAL A 171 8.92 -27.82 29.42
N LYS A 172 8.44 -27.17 30.48
CA LYS A 172 7.16 -26.50 30.47
C LYS A 172 7.37 -24.99 30.34
N THR A 173 6.37 -24.31 29.77
CA THR A 173 6.40 -22.86 29.62
C THR A 173 5.08 -22.28 30.10
N ASN A 174 5.06 -20.96 30.27
CA ASN A 174 3.88 -20.23 30.69
C ASN A 174 3.48 -19.25 29.61
N GLY A 175 2.20 -19.26 29.22
CA GLY A 175 1.65 -18.25 28.35
C GLY A 175 1.22 -18.80 27.01
N TYR A 176 0.92 -17.86 26.11
CA TYR A 176 0.42 -18.18 24.78
C TYR A 176 1.57 -18.61 23.87
N SER A 177 1.29 -19.59 23.00
CA SER A 177 2.35 -20.24 22.24
C SER A 177 3.07 -19.28 21.31
N SER A 178 2.32 -18.41 20.61
CA SER A 178 2.96 -17.47 19.70
C SER A 178 3.86 -16.49 20.45
N ASP A 179 3.50 -16.14 21.68
CA ASP A 179 4.38 -15.28 22.48
C ASP A 179 5.57 -16.06 23.01
N VAL A 180 5.35 -17.29 23.47
CA VAL A 180 6.43 -18.10 24.02
C VAL A 180 7.45 -18.44 22.94
N ILE A 181 6.97 -18.86 21.76
CA ILE A 181 7.88 -19.26 20.68
C ILE A 181 8.74 -18.08 20.24
N THR A 182 8.14 -16.90 20.12
CA THR A 182 8.91 -15.71 19.74
C THR A 182 9.98 -15.41 20.79
N ASN A 183 9.63 -15.55 22.07
CA ASN A 183 10.61 -15.30 23.13
C ASN A 183 11.74 -16.32 23.11
N ILE A 184 11.45 -17.57 22.73
CA ILE A 184 12.50 -18.58 22.65
C ILE A 184 13.56 -18.18 21.63
N THR A 185 13.13 -17.76 20.45
CA THR A 185 14.06 -17.39 19.39
C THR A 185 14.87 -16.16 19.77
N ILE A 186 14.20 -15.13 20.30
CA ILE A 186 14.91 -13.92 20.70
C ILE A 186 15.88 -14.22 21.84
N ASP A 187 15.48 -15.09 22.77
CA ASP A 187 16.37 -15.46 23.86
C ASP A 187 17.60 -16.20 23.35
N TRP A 188 17.42 -17.05 22.34
CA TRP A 188 18.58 -17.73 21.74
C TRP A 188 19.50 -16.73 21.05
N LEU A 189 18.93 -15.80 20.29
CA LEU A 189 19.74 -14.79 19.62
C LEU A 189 20.49 -13.91 20.62
N LYS A 190 19.89 -13.66 21.78
CA LYS A 190 20.49 -12.73 22.73
C LYS A 190 21.53 -13.41 23.62
N ASN A 191 21.26 -14.63 24.07
CA ASN A 191 22.05 -15.24 25.14
C ASN A 191 22.77 -16.53 24.75
N ARG A 192 22.36 -17.22 23.69
CA ARG A 192 22.99 -18.48 23.31
C ARG A 192 23.75 -18.42 22.01
N ARG A 193 23.41 -17.49 21.11
CA ARG A 193 24.05 -17.42 19.80
C ARG A 193 25.49 -16.95 19.93
N ASP A 194 26.37 -17.57 19.15
CA ASP A 194 27.75 -17.10 19.02
C ASP A 194 27.76 -15.94 18.04
N LYS A 195 28.02 -14.73 18.55
CA LYS A 195 27.93 -13.52 17.75
C LYS A 195 29.00 -13.41 16.67
N ASN A 196 29.95 -14.34 16.60
CA ASN A 196 30.99 -14.32 15.58
C ASN A 196 30.83 -15.43 14.55
N LYS A 197 29.76 -16.22 14.63
CA LYS A 197 29.45 -17.22 13.62
C LYS A 197 28.12 -16.89 12.97
N PRO A 198 28.00 -17.04 11.66
CA PRO A 198 26.69 -16.90 11.02
C PRO A 198 25.75 -18.00 11.49
N PHE A 199 24.47 -17.65 11.60
CA PHE A 199 23.46 -18.58 12.12
C PHE A 199 22.39 -18.85 11.08
N PHE A 200 21.88 -20.08 11.12
CA PHE A 200 20.72 -20.50 10.34
C PHE A 200 19.66 -20.96 11.32
N LEU A 201 18.55 -20.23 11.37
CA LEU A 201 17.50 -20.45 12.36
C LEU A 201 16.17 -20.68 11.67
N MET A 202 15.50 -21.77 12.04
CA MET A 202 14.16 -22.07 11.54
C MET A 202 13.15 -21.76 12.65
N HIS A 203 12.30 -20.76 12.40
CA HIS A 203 11.40 -20.18 13.38
C HIS A 203 9.97 -20.56 12.98
N HIS A 204 9.41 -21.56 13.66
CA HIS A 204 8.17 -22.19 13.23
C HIS A 204 7.06 -21.91 14.23
N TYR A 205 5.96 -21.32 13.76
CA TYR A 205 4.82 -21.04 14.61
C TYR A 205 3.79 -22.16 14.53
N LYS A 206 3.00 -22.29 15.58
CA LYS A 206 1.92 -23.27 15.63
C LYS A 206 0.60 -22.68 15.16
N ALA A 207 0.39 -21.38 15.35
CA ALA A 207 -0.76 -20.68 14.81
C ALA A 207 -0.55 -20.39 13.32
N PRO A 208 -1.63 -20.14 12.56
CA PRO A 208 -3.06 -20.21 12.89
C PRO A 208 -3.70 -21.57 12.58
N HIS A 209 -3.27 -22.59 13.31
CA HIS A 209 -3.80 -23.94 13.16
C HIS A 209 -5.11 -24.08 13.93
N ASP A 210 -5.95 -25.01 13.48
CA ASP A 210 -7.21 -25.26 14.19
C ASP A 210 -6.91 -25.84 15.57
N MET A 211 -7.82 -25.60 16.52
CA MET A 211 -9.09 -24.90 16.30
C MET A 211 -9.03 -23.41 16.63
N PHE A 212 -7.87 -22.80 16.37
CA PHE A 212 -7.71 -21.35 16.38
C PHE A 212 -8.02 -20.76 17.75
N GLU A 213 -7.28 -21.25 18.76
CA GLU A 213 -7.43 -20.78 20.14
C GLU A 213 -6.53 -19.57 20.32
N TYR A 214 -7.05 -18.41 19.92
CA TYR A 214 -6.32 -17.16 19.97
C TYR A 214 -6.06 -16.76 21.43
N ALA A 215 -5.07 -15.87 21.60
CA ALA A 215 -4.80 -15.32 22.92
C ALA A 215 -5.98 -14.46 23.37
N PRO A 216 -6.35 -14.51 24.64
CA PRO A 216 -7.56 -13.81 25.09
C PRO A 216 -7.52 -12.30 24.87
N ARG A 217 -6.35 -11.71 24.63
CA ARG A 217 -6.29 -10.27 24.38
C ARG A 217 -6.83 -9.90 23.00
N TYR A 218 -7.13 -10.87 22.14
CA TYR A 218 -7.65 -10.61 20.81
C TYR A 218 -9.13 -10.99 20.67
N LYS A 219 -9.84 -11.23 21.78
CA LYS A 219 -11.18 -11.77 21.70
C LYS A 219 -12.14 -10.82 20.98
N TYR A 220 -11.91 -9.52 21.09
CA TYR A 220 -12.80 -8.53 20.47
C TYR A 220 -12.17 -7.87 19.26
N TYR A 221 -10.99 -8.33 18.85
CA TYR A 221 -10.47 -7.99 17.52
C TYR A 221 -11.43 -8.48 16.45
N LEU A 222 -11.82 -7.59 15.55
CA LEU A 222 -12.76 -7.86 14.46
C LEU A 222 -14.15 -8.23 14.97
N GLU A 223 -14.53 -7.80 16.17
CA GLU A 223 -15.83 -8.17 16.72
C GLU A 223 -16.97 -7.55 15.92
N ASP A 224 -16.85 -6.28 15.56
CA ASP A 224 -17.89 -5.55 14.85
C ASP A 224 -17.55 -5.35 13.38
N THR A 225 -16.60 -6.12 12.85
CA THR A 225 -16.20 -6.03 11.46
C THR A 225 -16.60 -7.32 10.74
N GLU A 226 -17.32 -7.18 9.64
CA GLU A 226 -17.68 -8.34 8.82
C GLU A 226 -16.47 -8.78 8.02
N VAL A 227 -16.20 -10.08 8.04
CA VAL A 227 -15.16 -10.65 7.18
C VAL A 227 -15.74 -10.83 5.78
N PRO A 228 -15.10 -10.30 4.74
CA PRO A 228 -15.65 -10.40 3.38
C PRO A 228 -15.87 -11.87 2.99
N VAL A 229 -17.05 -12.16 2.48
CA VAL A 229 -17.48 -13.51 2.19
C VAL A 229 -17.30 -13.78 0.69
N PRO A 230 -16.62 -14.86 0.31
CA PRO A 230 -16.56 -15.22 -1.11
C PRO A 230 -17.88 -15.85 -1.56
N GLU A 231 -18.23 -15.58 -2.82
CA GLU A 231 -19.46 -16.16 -3.36
C GLU A 231 -19.36 -17.68 -3.54
N SER A 232 -18.14 -18.22 -3.70
CA SER A 232 -17.94 -19.66 -3.80
C SER A 232 -18.34 -20.40 -2.52
N LEU A 233 -18.50 -19.69 -1.40
CA LEU A 233 -18.98 -20.35 -0.19
C LEU A 233 -20.38 -20.91 -0.38
N TYR A 234 -21.27 -20.14 -1.01
CA TYR A 234 -22.64 -20.58 -1.22
C TYR A 234 -22.85 -21.25 -2.57
N ASN A 235 -22.10 -20.85 -3.60
CA ASN A 235 -22.31 -21.31 -4.96
C ASN A 235 -21.16 -22.22 -5.37
N GLN A 236 -21.50 -23.44 -5.83
CA GLN A 236 -20.51 -24.40 -6.30
C GLN A 236 -20.90 -25.02 -7.64
N ASP A 237 -21.81 -24.39 -8.38
CA ASP A 237 -22.23 -24.92 -9.67
C ASP A 237 -21.13 -24.73 -10.70
N GLY A 238 -20.71 -25.84 -11.32
CA GLY A 238 -19.60 -25.86 -12.24
C GLY A 238 -18.31 -26.33 -11.63
N TRP A 239 -18.16 -26.18 -10.32
CA TRP A 239 -16.99 -26.66 -9.60
C TRP A 239 -17.08 -28.17 -9.39
N GLY A 240 -15.92 -28.82 -9.42
CA GLY A 240 -15.84 -30.21 -9.02
C GLY A 240 -16.12 -31.17 -10.16
N SER A 241 -16.39 -32.41 -9.77
CA SER A 241 -16.65 -33.50 -10.71
C SER A 241 -17.29 -34.64 -9.93
N GLU A 242 -17.41 -35.81 -10.58
CA GLU A 242 -17.84 -37.00 -9.86
C GLU A 242 -16.79 -37.48 -8.87
N ALA A 243 -15.53 -37.07 -9.04
CA ALA A 243 -14.48 -37.47 -8.11
C ALA A 243 -14.59 -36.74 -6.78
N THR A 244 -15.15 -35.52 -6.80
CA THR A 244 -15.27 -34.72 -5.58
C THR A 244 -16.69 -34.53 -5.12
N ARG A 245 -17.69 -34.92 -5.93
CA ARG A 245 -19.09 -34.83 -5.52
C ARG A 245 -19.87 -36.11 -5.76
N GLY A 246 -19.37 -37.05 -6.56
CA GLY A 246 -20.11 -38.23 -6.91
C GLY A 246 -21.08 -38.00 -8.04
N LYS A 247 -21.50 -39.09 -8.67
CA LYS A 247 -22.50 -39.01 -9.72
C LYS A 247 -23.81 -38.51 -9.15
N ASN A 248 -24.40 -37.50 -9.80
CA ASN A 248 -25.66 -36.89 -9.37
C ASN A 248 -25.55 -36.32 -7.95
N ASP A 249 -24.35 -35.84 -7.59
CA ASP A 249 -24.13 -35.20 -6.29
C ASP A 249 -24.47 -36.12 -5.12
N SER A 250 -24.23 -37.43 -5.30
CA SER A 250 -24.56 -38.40 -4.25
C SER A 250 -23.56 -38.41 -3.12
N LEU A 251 -22.38 -37.82 -3.31
CA LEU A 251 -21.33 -37.81 -2.29
C LEU A 251 -21.08 -36.43 -1.71
N ARG A 252 -21.97 -35.47 -1.95
CA ARG A 252 -21.81 -34.13 -1.37
C ARG A 252 -21.77 -34.19 0.15
N HIS A 253 -22.50 -35.12 0.75
CA HIS A 253 -22.47 -35.34 2.19
C HIS A 253 -21.26 -36.13 2.64
N PHE A 254 -20.48 -36.68 1.71
CA PHE A 254 -19.46 -37.68 1.99
C PHE A 254 -18.04 -37.19 1.83
N ILE A 255 -17.77 -36.38 0.79
CA ILE A 255 -16.42 -35.96 0.45
C ILE A 255 -16.25 -34.49 0.81
N GLY A 256 -15.13 -34.16 1.45
CA GLY A 256 -14.77 -32.79 1.70
C GLY A 256 -15.49 -32.15 2.87
N THR A 257 -14.80 -31.98 3.99
CA THR A 257 -15.37 -31.29 5.13
C THR A 257 -15.70 -29.85 4.77
N SER A 258 -16.73 -29.30 5.42
CA SER A 258 -17.41 -28.11 4.92
C SER A 258 -17.48 -27.03 5.99
N ILE A 259 -17.91 -25.84 5.55
CA ILE A 259 -18.33 -24.77 6.45
C ILE A 259 -19.80 -24.91 6.81
N SER A 260 -20.64 -25.11 5.78
CA SER A 260 -22.03 -25.44 5.97
C SER A 260 -22.16 -26.86 6.54
N ARG A 261 -23.40 -27.24 6.86
CA ARG A 261 -23.66 -28.59 7.34
C ARG A 261 -23.82 -29.54 6.17
N ARG A 262 -23.17 -29.23 5.04
CA ARG A 262 -23.22 -30.11 3.88
C ARG A 262 -22.62 -31.47 4.20
N HIS A 263 -21.35 -31.49 4.60
CA HIS A 263 -20.71 -32.73 4.99
C HIS A 263 -21.36 -33.28 6.26
N GLU A 264 -21.75 -34.56 6.22
CA GLU A 264 -22.59 -35.12 7.27
C GLU A 264 -21.86 -35.35 8.57
N ASN A 265 -20.53 -35.38 8.57
CA ASN A 265 -19.78 -35.79 9.75
C ASN A 265 -18.88 -34.71 10.35
N ARG A 266 -18.40 -33.76 9.55
CA ARG A 266 -17.52 -32.73 10.09
C ARG A 266 -17.77 -31.41 9.37
N SER A 267 -18.03 -30.36 10.14
CA SER A 267 -18.26 -29.03 9.60
C SER A 267 -18.07 -28.02 10.72
N TYR A 268 -17.85 -26.76 10.32
CA TYR A 268 -17.73 -25.70 11.32
C TYR A 268 -19.08 -25.30 11.88
N ALA A 269 -20.14 -25.34 11.07
CA ALA A 269 -21.48 -25.06 11.56
C ALA A 269 -21.86 -26.03 12.68
N GLU A 270 -21.49 -27.30 12.54
CA GLU A 270 -21.77 -28.27 13.59
C GLU A 270 -20.78 -28.16 14.74
N ASP A 271 -19.50 -27.95 14.43
CA ASP A 271 -18.49 -27.80 15.48
C ASP A 271 -18.78 -26.60 16.37
N TYR A 272 -19.19 -25.49 15.76
CA TYR A 272 -19.50 -24.28 16.52
C TYR A 272 -20.91 -24.27 17.10
N LYS A 273 -21.71 -25.30 16.81
CA LYS A 273 -23.06 -25.43 17.34
C LYS A 273 -23.91 -24.20 17.01
N ILE A 274 -23.95 -23.86 15.72
CA ILE A 274 -24.67 -22.69 15.23
C ILE A 274 -26.01 -23.16 14.65
N ASN A 275 -27.10 -22.62 15.19
CA ASN A 275 -28.45 -23.02 14.79
C ASN A 275 -29.30 -21.76 14.66
N THR A 276 -29.39 -21.24 13.43
CA THR A 276 -30.17 -20.05 13.14
C THR A 276 -31.58 -20.37 12.65
N GLY A 277 -31.80 -21.56 12.12
CA GLY A 277 -33.03 -21.93 11.46
C GLY A 277 -32.91 -21.79 9.96
N ASP A 278 -32.16 -20.79 9.53
CA ASP A 278 -31.82 -20.65 8.12
C ASP A 278 -30.51 -21.37 7.85
N PRO A 279 -30.50 -22.40 6.99
CA PRO A 279 -29.24 -23.11 6.73
C PRO A 279 -28.19 -22.24 6.07
N LYS A 280 -28.58 -21.19 5.34
CA LYS A 280 -27.59 -20.30 4.73
C LYS A 280 -26.95 -19.38 5.77
N LYS A 281 -27.75 -18.85 6.70
CA LYS A 281 -27.19 -18.03 7.75
C LYS A 281 -26.32 -18.87 8.70
N ASP A 282 -26.61 -20.17 8.81
CA ASP A 282 -25.70 -21.07 9.51
C ASP A 282 -24.33 -21.06 8.86
N THR A 283 -24.28 -21.26 7.54
CA THR A 283 -23.01 -21.21 6.82
C THR A 283 -22.32 -19.87 6.98
N TYR A 284 -23.09 -18.78 6.96
CA TYR A 284 -22.52 -17.46 7.09
C TYR A 284 -21.89 -17.25 8.46
N GLU A 285 -22.62 -17.59 9.53
CA GLU A 285 -22.10 -17.39 10.87
C GLU A 285 -20.91 -18.32 11.15
N ALA A 286 -20.97 -19.56 10.68
CA ALA A 286 -19.84 -20.45 10.82
C ALA A 286 -18.63 -19.94 10.06
N TYR A 287 -18.85 -19.28 8.91
CA TYR A 287 -17.75 -18.66 8.19
C TYR A 287 -17.16 -17.50 8.98
N GLN A 288 -18.02 -16.66 9.55
CA GLN A 288 -17.54 -15.53 10.33
C GLN A 288 -16.74 -16.01 11.55
N ARG A 289 -17.26 -17.00 12.27
CA ARG A 289 -16.56 -17.52 13.43
C ARG A 289 -15.23 -18.17 13.03
N TYR A 290 -15.25 -18.99 11.98
CA TYR A 290 -14.03 -19.65 11.51
C TYR A 290 -12.99 -18.62 11.10
N LEU A 291 -13.40 -17.59 10.36
CA LEU A 291 -12.43 -16.62 9.85
C LEU A 291 -11.94 -15.68 10.94
N LYS A 292 -12.81 -15.28 11.87
CA LYS A 292 -12.40 -14.33 12.90
C LYS A 292 -11.47 -14.98 13.92
N ASP A 293 -11.81 -16.18 14.39
CA ASP A 293 -10.90 -16.92 15.26
C ASP A 293 -9.58 -17.18 14.56
N TYR A 294 -9.64 -17.52 13.27
CA TYR A 294 -8.42 -17.76 12.49
C TYR A 294 -7.59 -16.48 12.38
N LEU A 295 -8.22 -15.37 11.99
CA LEU A 295 -7.49 -14.12 11.84
C LEU A 295 -7.02 -13.59 13.17
N ARG A 296 -7.71 -13.93 14.26
CA ARG A 296 -7.21 -13.58 15.59
C ARG A 296 -5.89 -14.26 15.87
N CYS A 297 -5.73 -15.50 15.42
CA CYS A 297 -4.44 -16.18 15.55
C CYS A 297 -3.41 -15.58 14.61
N VAL A 298 -3.83 -15.16 13.41
CA VAL A 298 -2.93 -14.50 12.48
C VAL A 298 -2.42 -13.19 13.06
N LYS A 299 -3.29 -12.45 13.74
CA LYS A 299 -2.87 -11.21 14.39
C LYS A 299 -1.81 -11.48 15.45
N GLY A 300 -2.01 -12.53 16.26
CA GLY A 300 -1.03 -12.86 17.29
C GLY A 300 0.34 -13.17 16.70
N VAL A 301 0.36 -13.83 15.54
CA VAL A 301 1.62 -14.09 14.86
C VAL A 301 2.22 -12.78 14.33
N ASP A 302 1.39 -11.94 13.72
CA ASP A 302 1.89 -10.70 13.14
C ASP A 302 2.37 -9.73 14.22
N ASP A 303 1.67 -9.67 15.35
CA ASP A 303 2.12 -8.82 16.45
C ASP A 303 3.44 -9.31 17.03
N ASN A 304 3.62 -10.63 17.09
CA ASN A 304 4.87 -11.19 17.59
C ASN A 304 6.04 -10.89 16.67
N LEU A 305 5.78 -10.83 15.35
CA LEU A 305 6.86 -10.57 14.40
C LEU A 305 7.39 -9.16 14.51
N LYS A 306 6.56 -8.20 14.96
CA LYS A 306 7.07 -6.86 15.23
C LYS A 306 8.12 -6.89 16.33
N ARG A 307 7.89 -7.68 17.38
CA ARG A 307 8.87 -7.80 18.46
C ARG A 307 10.15 -8.47 17.96
N LEU A 308 10.02 -9.46 17.07
CA LEU A 308 11.21 -10.11 16.53
C LEU A 308 11.94 -9.18 15.57
N PHE A 309 11.20 -8.51 14.68
CA PHE A 309 11.84 -7.61 13.72
C PHE A 309 12.45 -6.39 14.41
N ASP A 310 11.81 -5.90 15.48
CA ASP A 310 12.37 -4.78 16.23
C ASP A 310 13.69 -5.16 16.89
N TYR A 311 13.78 -6.40 17.40
CA TYR A 311 15.03 -6.86 17.98
C TYR A 311 16.14 -6.96 16.93
N LEU A 312 15.81 -7.54 15.77
CA LEU A 312 16.81 -7.70 14.71
C LEU A 312 17.30 -6.34 14.23
N LYS A 313 16.41 -5.35 14.16
CA LYS A 313 16.82 -4.01 13.75
C LYS A 313 17.70 -3.36 14.79
N LYS A 314 17.29 -3.42 16.07
CA LYS A 314 18.09 -2.83 17.14
C LYS A 314 19.45 -3.50 17.24
N GLU A 315 19.49 -4.83 17.15
CA GLU A 315 20.75 -5.55 17.24
C GLU A 315 21.63 -5.34 16.02
N GLY A 316 21.06 -4.86 14.91
CA GLY A 316 21.82 -4.69 13.69
C GLY A 316 21.91 -5.91 12.82
N LEU A 317 21.09 -6.93 13.06
CA LEU A 317 21.02 -8.10 12.20
C LEU A 317 20.11 -7.89 11.00
N TRP A 318 19.30 -6.83 11.00
CA TRP A 318 18.37 -6.57 9.90
C TRP A 318 19.09 -6.45 8.56
N GLU A 319 20.34 -5.95 8.57
CA GLU A 319 21.06 -5.66 7.34
C GLU A 319 21.92 -6.82 6.85
N ASN A 320 22.12 -7.87 7.66
CA ASN A 320 22.93 -9.01 7.23
C ASN A 320 22.21 -10.34 7.43
N THR A 321 20.89 -10.32 7.54
CA THR A 321 20.10 -11.54 7.73
C THR A 321 19.07 -11.65 6.63
N ILE A 322 19.12 -12.75 5.88
CA ILE A 322 18.06 -13.08 4.94
C ILE A 322 16.88 -13.63 5.71
N ILE A 323 15.68 -13.12 5.41
CA ILE A 323 14.47 -13.46 6.14
C ILE A 323 13.45 -14.02 5.16
N VAL A 324 12.85 -15.14 5.53
CA VAL A 324 11.80 -15.78 4.73
C VAL A 324 10.56 -15.90 5.61
N TYR A 325 9.42 -15.50 5.08
CA TYR A 325 8.13 -15.81 5.69
C TYR A 325 7.33 -16.68 4.76
N THR A 326 6.78 -17.76 5.30
CA THR A 326 6.01 -18.71 4.50
C THR A 326 5.08 -19.47 5.44
N GLY A 327 4.16 -20.22 4.84
CA GLY A 327 3.35 -21.17 5.57
C GLY A 327 3.58 -22.56 4.99
N ASP A 328 3.51 -23.57 5.87
CA ASP A 328 3.83 -24.93 5.43
C ASP A 328 2.93 -25.36 4.27
N GLN A 329 1.67 -24.92 4.29
CA GLN A 329 0.81 -24.98 3.11
C GLN A 329 -0.24 -23.89 3.22
N GLY A 330 -1.01 -23.74 2.16
CA GLY A 330 -2.20 -22.92 2.20
C GLY A 330 -3.34 -23.65 2.89
N MET A 331 -4.52 -23.02 2.86
CA MET A 331 -5.70 -23.62 3.46
C MET A 331 -6.94 -23.04 2.82
N MET A 332 -7.95 -23.89 2.65
CA MET A 332 -9.25 -23.42 2.18
C MET A 332 -9.95 -22.65 3.28
N LEU A 333 -10.20 -21.36 3.04
CA LEU A 333 -10.90 -20.51 4.00
C LEU A 333 -12.36 -20.37 3.65
N GLY A 334 -13.03 -21.50 3.42
CA GLY A 334 -14.44 -21.50 3.05
C GLY A 334 -14.72 -21.51 1.58
N GLU A 335 -13.72 -21.28 0.73
CA GLU A 335 -13.93 -21.30 -0.71
C GLU A 335 -14.44 -22.66 -1.16
N HIS A 336 -15.48 -22.66 -1.99
CA HIS A 336 -16.18 -23.87 -2.43
C HIS A 336 -16.78 -24.65 -1.28
N ASP A 337 -17.05 -23.98 -0.14
CA ASP A 337 -17.54 -24.63 1.07
C ASP A 337 -16.58 -25.72 1.53
N LEU A 338 -15.29 -25.42 1.49
CA LEU A 338 -14.24 -26.36 1.90
C LEU A 338 -13.47 -25.78 3.07
N GLN A 339 -12.81 -26.68 3.81
CA GLN A 339 -11.95 -26.29 4.91
C GLN A 339 -10.67 -27.13 4.85
N ASP A 340 -9.71 -26.77 5.72
CA ASP A 340 -8.42 -27.43 5.79
C ASP A 340 -7.66 -27.32 4.48
N LYS A 341 -6.67 -28.20 4.28
CA LYS A 341 -5.82 -28.12 3.10
C LYS A 341 -5.96 -29.38 2.26
N ARG A 342 -4.85 -30.05 1.94
CA ARG A 342 -4.83 -31.34 1.27
C ARG A 342 -5.29 -31.24 -0.18
N TRP A 343 -6.34 -30.46 -0.43
CA TRP A 343 -6.80 -30.21 -1.78
C TRP A 343 -5.69 -29.58 -2.63
N MET A 344 -5.71 -29.89 -3.92
CA MET A 344 -4.83 -29.21 -4.87
C MET A 344 -5.36 -27.85 -5.29
N TYR A 345 -6.55 -27.47 -4.83
CA TYR A 345 -7.12 -26.18 -5.19
C TYR A 345 -6.18 -25.06 -4.75
N ASP A 346 -6.18 -23.96 -5.53
CA ASP A 346 -5.10 -22.98 -5.48
C ASP A 346 -4.93 -22.39 -4.08
N GLU A 347 -6.01 -22.28 -3.31
CA GLU A 347 -5.89 -21.71 -1.97
C GLU A 347 -5.09 -22.63 -1.05
N SER A 348 -5.27 -23.95 -1.19
CA SER A 348 -4.51 -24.89 -0.39
C SER A 348 -3.15 -25.20 -1.01
N MET A 349 -3.09 -25.23 -2.34
CA MET A 349 -1.84 -25.59 -3.02
C MET A 349 -0.81 -24.47 -2.91
N ARG A 350 -1.23 -23.22 -3.13
CA ARG A 350 -0.29 -22.11 -3.09
C ARG A 350 0.17 -21.85 -1.66
N MET A 351 1.48 -21.69 -1.50
CA MET A 351 2.04 -21.23 -0.25
C MET A 351 2.40 -19.76 -0.35
N PRO A 352 2.15 -18.97 0.70
CA PRO A 352 2.76 -17.64 0.74
C PRO A 352 4.26 -17.76 0.90
N PHE A 353 5.00 -16.91 0.20
CA PHE A 353 6.46 -17.00 0.22
C PHE A 353 7.03 -15.60 0.00
N ILE A 354 7.60 -15.03 1.06
CA ILE A 354 8.17 -13.69 1.04
C ILE A 354 9.61 -13.78 1.52
N VAL A 355 10.54 -13.22 0.74
CA VAL A 355 11.96 -13.26 1.07
C VAL A 355 12.51 -11.83 1.00
N ARG A 356 13.24 -11.43 2.04
CA ARG A 356 13.95 -10.16 2.05
C ARG A 356 15.45 -10.46 2.11
N ASP A 357 16.14 -10.23 1.00
CA ASP A 357 17.60 -10.31 0.95
C ASP A 357 18.14 -8.90 1.11
N PRO A 358 18.71 -8.55 2.27
CA PRO A 358 19.11 -7.15 2.51
C PRO A 358 20.23 -6.65 1.62
N LYS A 359 20.86 -7.50 0.82
CA LYS A 359 21.87 -7.07 -0.14
C LYS A 359 21.39 -7.14 -1.58
N SER A 360 20.17 -7.61 -1.81
CA SER A 360 19.59 -7.64 -3.15
C SER A 360 18.92 -6.31 -3.47
N LYS A 361 18.91 -5.97 -4.75
CA LYS A 361 18.18 -4.81 -5.22
C LYS A 361 16.71 -5.09 -5.50
N GLN A 362 16.31 -6.36 -5.41
CA GLN A 362 14.91 -6.76 -5.60
C GLN A 362 14.17 -6.53 -4.29
N ARG A 363 13.66 -5.31 -4.12
CA ARG A 363 13.00 -4.90 -2.88
C ARG A 363 11.68 -4.24 -3.22
N GLY A 364 10.60 -4.72 -2.60
CA GLY A 364 9.28 -4.20 -2.87
C GLY A 364 8.74 -4.57 -4.23
N VAL A 365 8.89 -5.84 -4.64
CA VAL A 365 8.47 -6.31 -5.95
C VAL A 365 7.80 -7.66 -5.81
N HIS A 366 6.99 -8.00 -6.81
CA HIS A 366 6.39 -9.31 -6.93
C HIS A 366 7.13 -10.13 -7.99
N ASN A 367 6.96 -11.44 -7.94
CA ASN A 367 7.63 -12.32 -8.88
C ASN A 367 6.71 -13.49 -9.22
N ASP A 368 6.57 -13.76 -10.52
CA ASP A 368 5.62 -14.72 -11.06
C ASP A 368 6.23 -16.10 -11.31
N LEU A 369 7.45 -16.35 -10.89
CA LEU A 369 8.12 -17.61 -11.22
C LEU A 369 7.44 -18.77 -10.50
N MET A 370 7.18 -19.84 -11.25
CA MET A 370 6.59 -21.06 -10.68
C MET A 370 7.66 -21.79 -9.87
N ILE A 371 7.51 -21.79 -8.54
CA ILE A 371 8.47 -22.41 -7.64
C ILE A 371 7.73 -23.34 -6.69
N ASN A 372 8.49 -24.23 -6.06
CA ASN A 372 7.95 -25.22 -5.13
C ASN A 372 8.69 -25.13 -3.79
N ASN A 373 8.09 -25.75 -2.78
CA ASN A 373 8.75 -25.83 -1.48
C ASN A 373 9.98 -26.73 -1.51
N ILE A 374 10.07 -27.64 -2.49
CA ILE A 374 11.28 -28.43 -2.65
C ILE A 374 12.44 -27.58 -3.17
N ASP A 375 12.15 -26.41 -3.73
CA ASP A 375 13.18 -25.51 -4.21
C ASP A 375 13.76 -24.62 -3.11
N PHE A 376 13.17 -24.65 -1.91
CA PHE A 376 13.61 -23.73 -0.86
C PHE A 376 15.04 -24.00 -0.44
N ALA A 377 15.36 -25.26 -0.16
CA ALA A 377 16.68 -25.60 0.39
C ALA A 377 17.83 -25.23 -0.54
N PRO A 378 17.87 -25.66 -1.80
CA PRO A 378 19.00 -25.26 -2.65
C PRO A 378 19.07 -23.76 -2.89
N THR A 379 17.93 -23.08 -2.94
CA THR A 379 17.94 -21.63 -3.14
C THR A 379 18.50 -20.91 -1.92
N LEU A 380 18.13 -21.37 -0.72
CA LEU A 380 18.67 -20.76 0.50
C LEU A 380 20.15 -21.08 0.67
N ILE A 381 20.60 -22.25 0.20
CA ILE A 381 22.01 -22.59 0.29
C ILE A 381 22.85 -21.68 -0.60
N GLU A 382 22.36 -21.40 -1.81
CA GLU A 382 23.11 -20.54 -2.73
C GLU A 382 23.09 -19.10 -2.28
N LEU A 383 21.97 -18.64 -1.72
CA LEU A 383 21.90 -17.27 -1.21
C LEU A 383 22.85 -17.04 -0.05
N ALA A 384 23.23 -18.11 0.67
CA ALA A 384 24.19 -18.01 1.76
C ALA A 384 25.62 -18.30 1.31
N GLY A 385 25.86 -18.37 -0.01
CA GLY A 385 27.20 -18.62 -0.52
C GLY A 385 27.53 -20.08 -0.65
N GLY A 386 26.61 -20.86 -1.22
CA GLY A 386 26.83 -22.28 -1.44
C GLY A 386 26.46 -22.72 -2.83
N LYS A 387 26.40 -24.03 -3.05
CA LYS A 387 26.01 -24.61 -4.33
C LYS A 387 24.81 -25.52 -4.14
N ALA A 388 23.89 -25.48 -5.09
CA ALA A 388 22.68 -26.29 -5.03
C ALA A 388 23.03 -27.77 -4.98
N PRO A 389 22.69 -28.49 -3.91
CA PRO A 389 23.07 -29.91 -3.80
C PRO A 389 22.49 -30.74 -4.94
N LYS A 390 23.32 -31.65 -5.45
CA LYS A 390 22.94 -32.44 -6.61
C LYS A 390 21.82 -33.42 -6.28
N TYR A 391 21.83 -33.96 -5.06
CA TYR A 391 20.91 -35.04 -4.69
C TYR A 391 19.48 -34.56 -4.43
N MET A 392 19.20 -33.28 -4.57
CA MET A 392 17.87 -32.74 -4.31
C MET A 392 17.09 -32.61 -5.61
N ASP A 393 15.78 -32.82 -5.52
CA ASP A 393 14.91 -32.62 -6.67
C ASP A 393 14.72 -31.15 -6.98
N GLY A 394 14.68 -30.31 -5.95
CA GLY A 394 14.54 -28.89 -6.16
C GLY A 394 15.82 -28.27 -6.69
N LYS A 395 15.66 -27.15 -7.39
CA LYS A 395 16.78 -26.39 -7.93
C LYS A 395 16.70 -24.96 -7.42
N SER A 396 17.83 -24.24 -7.54
CA SER A 396 17.95 -22.91 -6.97
C SER A 396 17.37 -21.86 -7.91
N PHE A 397 16.55 -20.97 -7.37
CA PHE A 397 16.10 -19.78 -8.08
C PHE A 397 16.71 -18.53 -7.46
N ALA A 398 17.96 -18.64 -7.02
CA ALA A 398 18.64 -17.50 -6.40
C ALA A 398 18.86 -16.37 -7.39
N ASP A 399 18.99 -16.69 -8.69
CA ASP A 399 19.20 -15.67 -9.70
C ASP A 399 18.07 -14.66 -9.75
N VAL A 400 16.91 -14.98 -9.18
CA VAL A 400 15.81 -14.04 -9.11
C VAL A 400 16.22 -12.79 -8.33
N PHE A 401 16.95 -12.98 -7.23
CA PHE A 401 17.43 -11.86 -6.42
C PHE A 401 18.60 -11.12 -7.06
N GLU A 402 19.04 -11.55 -8.24
CA GLU A 402 20.01 -10.81 -9.04
C GLU A 402 19.37 -10.22 -10.29
N GLY A 403 18.04 -10.19 -10.36
CA GLY A 403 17.33 -9.69 -11.51
C GLY A 403 17.22 -10.67 -12.67
N LYS A 404 17.78 -11.87 -12.54
CA LYS A 404 17.81 -12.85 -13.62
C LYS A 404 16.70 -13.87 -13.48
N THR A 405 16.25 -14.39 -14.62
CA THR A 405 15.42 -15.57 -14.63
C THR A 405 16.31 -16.81 -14.62
N PRO A 406 16.08 -17.76 -13.71
CA PRO A 406 16.96 -18.93 -13.63
C PRO A 406 16.97 -19.73 -14.93
N ALA A 407 18.11 -20.34 -15.21
CA ALA A 407 18.32 -21.01 -16.48
C ALA A 407 17.46 -22.27 -16.58
N ASN A 408 16.66 -22.35 -17.64
CA ASN A 408 15.82 -23.53 -17.92
C ASN A 408 14.92 -23.86 -16.74
N TRP A 409 14.23 -22.85 -16.23
CA TRP A 409 13.32 -23.07 -15.11
C TRP A 409 12.01 -23.66 -15.59
N LYS A 410 11.38 -24.44 -14.73
CA LYS A 410 10.13 -25.12 -15.07
C LYS A 410 9.03 -24.10 -15.35
N ASP A 411 8.14 -24.47 -16.26
CA ASP A 411 6.91 -23.73 -16.50
C ASP A 411 5.69 -24.48 -15.98
N GLU A 412 5.90 -25.52 -15.17
CA GLU A 412 4.83 -26.34 -14.63
C GLU A 412 5.28 -26.90 -13.29
N VAL A 413 4.31 -27.30 -12.47
CA VAL A 413 4.59 -27.84 -11.15
C VAL A 413 3.78 -29.11 -10.94
N TYR A 414 4.34 -30.02 -10.15
CA TYR A 414 3.74 -31.30 -9.84
C TYR A 414 3.16 -31.30 -8.43
N TYR A 415 2.03 -31.99 -8.26
CA TYR A 415 1.36 -32.06 -6.97
C TYR A 415 0.79 -33.46 -6.78
N ARG A 416 0.80 -33.92 -5.53
CA ARG A 416 0.17 -35.20 -5.21
C ARG A 416 -0.19 -35.23 -3.72
N TYR A 417 -1.44 -35.54 -3.43
CA TYR A 417 -1.92 -35.75 -2.07
C TYR A 417 -2.17 -37.24 -1.89
N TRP A 418 -1.46 -37.86 -0.95
CA TRP A 418 -1.51 -39.31 -0.78
C TRP A 418 -2.54 -39.76 0.26
N MET A 419 -2.84 -38.92 1.25
CA MET A 419 -3.60 -39.34 2.43
C MET A 419 -5.08 -39.42 2.11
N HIS A 420 -5.45 -40.50 1.44
CA HIS A 420 -6.82 -40.68 0.97
C HIS A 420 -7.82 -40.74 2.12
N MET A 421 -8.76 -39.81 2.13
CA MET A 421 -9.97 -39.83 2.96
C MET A 421 -9.72 -39.54 4.44
N ILE A 422 -8.52 -39.80 4.95
CA ILE A 422 -8.29 -39.68 6.38
C ILE A 422 -8.40 -38.22 6.82
N HIS A 423 -8.99 -38.01 8.00
CA HIS A 423 -9.10 -36.73 8.70
C HIS A 423 -10.19 -35.82 8.12
N HIS A 424 -10.17 -35.56 6.82
CA HIS A 424 -11.08 -34.58 6.24
C HIS A 424 -11.82 -35.10 5.01
N ASP A 425 -11.80 -36.42 4.78
CA ASP A 425 -12.57 -37.06 3.72
C ASP A 425 -12.25 -36.44 2.35
N ILE A 426 -10.97 -36.37 2.04
CA ILE A 426 -10.49 -35.77 0.80
C ILE A 426 -9.78 -36.86 -0.01
N PRO A 427 -10.18 -37.12 -1.25
CA PRO A 427 -9.60 -38.23 -1.99
C PRO A 427 -8.20 -37.92 -2.48
N ALA A 428 -7.37 -38.96 -2.56
CA ALA A 428 -6.03 -38.82 -3.09
C ALA A 428 -6.08 -38.44 -4.57
N HIS A 429 -5.09 -37.66 -5.00
CA HIS A 429 -5.09 -37.17 -6.37
C HIS A 429 -3.71 -36.67 -6.75
N ILE A 430 -3.47 -36.62 -8.06
CA ILE A 430 -2.29 -36.00 -8.64
C ILE A 430 -2.75 -34.85 -9.51
N GLY A 431 -1.79 -34.06 -9.98
CA GLY A 431 -2.13 -32.93 -10.83
C GLY A 431 -0.90 -32.19 -11.30
N ILE A 432 -1.12 -31.33 -12.29
CA ILE A 432 -0.09 -30.46 -12.85
C ILE A 432 -0.70 -29.07 -13.01
N ARG A 433 0.11 -28.05 -12.74
CA ARG A 433 -0.33 -26.66 -12.83
C ARG A 433 0.68 -25.86 -13.62
N THR A 434 0.20 -25.13 -14.62
CA THR A 434 0.97 -24.13 -15.33
C THR A 434 0.50 -22.75 -14.89
N LYS A 435 1.04 -21.71 -15.53
CA LYS A 435 0.55 -20.36 -15.25
C LYS A 435 -0.87 -20.16 -15.78
N ASP A 436 -1.32 -20.97 -16.73
CA ASP A 436 -2.60 -20.79 -17.38
C ASP A 436 -3.62 -21.86 -17.06
N TYR A 437 -3.19 -23.09 -16.76
CA TYR A 437 -4.12 -24.21 -16.61
C TYR A 437 -3.73 -25.06 -15.41
N LYS A 438 -4.71 -25.78 -14.89
CA LYS A 438 -4.49 -26.77 -13.85
C LYS A 438 -5.34 -27.99 -14.15
N LEU A 439 -4.72 -29.17 -14.15
CA LEU A 439 -5.40 -30.43 -14.39
C LEU A 439 -5.19 -31.35 -13.20
N ILE A 440 -6.27 -31.80 -12.58
CA ILE A 440 -6.22 -32.69 -11.43
C ILE A 440 -6.77 -34.05 -11.83
N LEU A 441 -6.11 -35.10 -11.36
CA LEU A 441 -6.54 -36.48 -11.57
C LEU A 441 -6.73 -37.14 -10.21
N PHE A 442 -7.98 -37.40 -9.85
CA PHE A 442 -8.31 -38.06 -8.59
C PHE A 442 -8.32 -39.58 -8.82
N TYR A 443 -7.37 -40.28 -8.22
CA TYR A 443 -7.38 -41.74 -8.30
C TYR A 443 -8.08 -42.40 -7.12
N GLY A 444 -8.46 -41.62 -6.12
CA GLY A 444 -9.42 -42.04 -5.10
C GLY A 444 -9.13 -43.34 -4.39
N ARG A 445 -7.87 -43.59 -4.07
N ARG A 445 -7.87 -43.57 -4.02
CA ARG A 445 -7.47 -44.79 -3.35
CA ARG A 445 -7.51 -44.81 -3.34
C ARG A 445 -6.36 -44.43 -2.37
C ARG A 445 -6.27 -44.57 -2.48
N HIS A 446 -6.22 -45.26 -1.34
CA HIS A 446 -5.11 -45.15 -0.41
C HIS A 446 -4.01 -46.13 -0.80
N TYR A 447 -2.77 -45.72 -0.59
CA TYR A 447 -1.62 -46.51 -1.02
C TYR A 447 -1.36 -47.72 -0.12
N ASP A 448 -1.91 -47.73 1.09
CA ASP A 448 -1.72 -48.83 2.04
C ASP A 448 -3.01 -49.63 2.12
N GLU A 449 -2.94 -50.90 1.71
CA GLU A 449 -4.13 -51.74 1.68
C GLU A 449 -4.72 -51.92 3.07
N LYS A 450 -3.87 -51.98 4.11
CA LYS A 450 -4.37 -52.14 5.47
C LYS A 450 -5.22 -50.96 5.91
N THR A 451 -4.99 -49.78 5.32
CA THR A 451 -5.77 -48.61 5.68
C THR A 451 -7.10 -48.55 4.91
N MET A 452 -7.16 -49.17 3.73
CA MET A 452 -8.41 -49.24 3.00
C MET A 452 -9.46 -49.99 3.81
N GLY A 453 -10.67 -49.42 3.89
CA GLY A 453 -11.76 -50.00 4.63
C GLY A 453 -11.89 -49.53 6.07
N THR A 454 -10.82 -48.95 6.63
CA THR A 454 -10.82 -48.50 8.01
C THR A 454 -11.49 -47.12 8.12
N PRO A 455 -11.81 -46.67 9.35
CA PRO A 455 -12.47 -45.36 9.48
C PRO A 455 -11.55 -44.21 9.13
N SER A 456 -12.15 -43.15 8.58
CA SER A 456 -11.39 -41.98 8.19
C SER A 456 -11.16 -41.02 9.36
N MET A 457 -12.09 -40.96 10.30
CA MET A 457 -12.01 -40.05 11.43
C MET A 457 -12.04 -40.87 12.72
N TRP A 458 -10.95 -40.81 13.50
CA TRP A 458 -10.83 -41.65 14.68
C TRP A 458 -11.78 -41.22 15.80
N TRP A 459 -12.04 -39.91 15.91
CA TRP A 459 -12.96 -39.43 16.94
C TRP A 459 -14.41 -39.79 16.64
N LEU A 460 -14.69 -40.31 15.44
CA LEU A 460 -16.02 -40.82 15.10
C LEU A 460 -15.99 -42.32 14.84
N ARG A 461 -14.98 -43.02 15.35
CA ARG A 461 -14.94 -44.47 15.22
C ARG A 461 -16.10 -45.12 15.97
N ASP A 462 -16.62 -44.46 16.99
CA ASP A 462 -17.79 -44.93 17.72
C ASP A 462 -19.08 -44.39 17.13
N LYS A 463 -19.12 -43.11 16.80
CA LYS A 463 -20.34 -42.44 16.35
C LYS A 463 -20.58 -42.56 14.85
N GLY A 464 -19.80 -43.39 14.14
CA GLY A 464 -20.08 -43.67 12.75
C GLY A 464 -19.37 -42.78 11.76
N SER A 465 -18.07 -43.03 11.56
CA SER A 465 -17.27 -42.28 10.59
C SER A 465 -17.37 -42.93 9.21
N HIS A 466 -17.02 -42.15 8.19
CA HIS A 466 -16.87 -42.71 6.86
C HIS A 466 -15.64 -43.61 6.81
N LYS A 467 -15.60 -44.46 5.79
CA LYS A 467 -14.51 -45.41 5.63
C LYS A 467 -13.58 -44.97 4.50
N VAL A 468 -12.31 -45.37 4.61
CA VAL A 468 -11.33 -45.10 3.57
C VAL A 468 -11.63 -46.01 2.39
N VAL A 469 -12.66 -45.67 1.61
CA VAL A 469 -13.13 -46.50 0.53
C VAL A 469 -12.70 -45.88 -0.80
N GLN A 470 -12.89 -46.65 -1.86
CA GLN A 470 -12.63 -46.15 -3.20
C GLN A 470 -13.64 -45.08 -3.58
N THR A 471 -13.15 -43.97 -4.15
CA THR A 471 -14.00 -42.88 -4.59
C THR A 471 -13.86 -42.70 -6.10
N PRO A 472 -14.88 -42.14 -6.76
CA PRO A 472 -14.87 -42.12 -8.24
C PRO A 472 -13.62 -41.47 -8.82
N VAL A 473 -13.14 -42.05 -9.91
CA VAL A 473 -11.94 -41.59 -10.60
C VAL A 473 -12.37 -40.63 -11.71
N ALA A 474 -11.83 -39.42 -11.68
CA ALA A 474 -12.22 -38.41 -12.66
C ALA A 474 -11.15 -37.34 -12.77
N PHE A 475 -11.21 -36.59 -13.86
CA PHE A 475 -10.35 -35.44 -14.10
C PHE A 475 -11.10 -34.15 -13.79
N GLU A 476 -10.36 -33.16 -13.30
CA GLU A 476 -10.86 -31.81 -13.17
C GLU A 476 -9.87 -30.86 -13.83
N LEU A 477 -10.39 -29.92 -14.61
CA LEU A 477 -9.57 -29.00 -15.39
C LEU A 477 -10.08 -27.59 -15.20
N TYR A 478 -9.18 -26.65 -14.94
CA TYR A 478 -9.53 -25.27 -14.64
C TYR A 478 -8.67 -24.32 -15.45
N ASP A 479 -9.32 -23.31 -16.04
CA ASP A 479 -8.65 -22.27 -16.80
C ASP A 479 -8.27 -21.15 -15.83
N LEU A 480 -6.99 -21.09 -15.45
CA LEU A 480 -6.56 -20.17 -14.41
C LEU A 480 -6.56 -18.71 -14.86
N LYS A 481 -6.58 -18.45 -16.17
CA LYS A 481 -6.63 -17.08 -16.65
C LYS A 481 -8.06 -16.58 -16.81
N LYS A 482 -8.97 -17.45 -17.26
CA LYS A 482 -10.38 -17.07 -17.31
C LYS A 482 -11.07 -17.23 -15.97
N ASP A 483 -10.59 -18.17 -15.13
CA ASP A 483 -11.29 -18.57 -13.92
C ASP A 483 -10.27 -18.87 -12.83
N PRO A 484 -9.64 -17.82 -12.28
CA PRO A 484 -8.61 -18.06 -11.26
C PRO A 484 -9.16 -18.57 -9.94
N MET A 485 -10.42 -18.32 -9.63
CA MET A 485 -11.04 -18.85 -8.42
C MET A 485 -11.49 -20.30 -8.58
N GLU A 486 -11.28 -20.90 -9.76
CA GLU A 486 -11.56 -22.31 -10.01
C GLU A 486 -13.02 -22.64 -9.76
N MET A 487 -13.91 -21.84 -10.35
CA MET A 487 -15.35 -22.02 -10.19
C MET A 487 -15.96 -22.99 -11.19
N LYS A 488 -15.30 -23.22 -12.32
CA LYS A 488 -15.89 -23.95 -13.44
C LYS A 488 -14.92 -25.03 -13.91
N ASN A 489 -15.28 -26.29 -13.65
CA ASN A 489 -14.54 -27.41 -14.21
C ASN A 489 -14.95 -27.59 -15.67
N VAL A 490 -13.97 -27.52 -16.58
CA VAL A 490 -14.25 -27.53 -18.01
C VAL A 490 -13.64 -28.78 -18.64
N ALA A 491 -13.62 -29.88 -17.90
CA ALA A 491 -13.05 -31.12 -18.42
C ALA A 491 -14.00 -31.79 -19.41
N ASN A 492 -15.28 -31.87 -19.09
CA ASN A 492 -16.26 -32.41 -20.04
C ASN A 492 -16.57 -31.44 -21.17
N ASP A 493 -16.11 -30.20 -21.07
CA ASP A 493 -16.39 -29.21 -22.10
C ASP A 493 -15.66 -29.59 -23.39
N PRO A 494 -16.37 -29.69 -24.53
CA PRO A 494 -15.70 -30.13 -25.76
C PRO A 494 -14.71 -29.13 -26.32
N GLU A 495 -14.93 -27.83 -26.11
CA GLU A 495 -14.02 -26.83 -26.66
C GLU A 495 -12.69 -26.75 -25.93
N TYR A 496 -12.56 -27.44 -24.79
CA TYR A 496 -11.30 -27.56 -24.07
C TYR A 496 -10.64 -28.91 -24.25
N LYS A 497 -11.22 -29.77 -25.09
CA LYS A 497 -10.73 -31.14 -25.23
C LYS A 497 -9.33 -31.20 -25.81
N ASP A 498 -8.86 -30.15 -26.49
CA ASP A 498 -7.48 -30.14 -26.95
C ASP A 498 -6.54 -29.72 -25.82
N VAL A 499 -6.93 -28.73 -25.03
CA VAL A 499 -6.19 -28.41 -23.81
C VAL A 499 -6.18 -29.62 -22.88
N LEU A 500 -7.30 -30.35 -22.82
CA LEU A 500 -7.39 -31.51 -21.95
C LEU A 500 -6.39 -32.59 -22.33
N LYS A 501 -6.37 -32.96 -23.61
CA LYS A 501 -5.40 -33.96 -24.08
C LYS A 501 -3.98 -33.46 -23.92
N ASP A 502 -3.76 -32.16 -24.11
CA ASP A 502 -2.41 -31.60 -23.97
C ASP A 502 -1.93 -31.69 -22.53
N MET A 503 -2.80 -31.36 -21.57
CA MET A 503 -2.39 -31.38 -20.16
C MET A 503 -2.20 -32.81 -19.67
N LYS A 504 -3.02 -33.74 -20.14
CA LYS A 504 -2.86 -35.14 -19.76
C LYS A 504 -1.52 -35.69 -20.24
N VAL A 505 -0.98 -35.13 -21.32
CA VAL A 505 0.33 -35.55 -21.82
C VAL A 505 1.43 -35.03 -20.90
N ARG A 506 1.40 -33.72 -20.60
CA ARG A 506 2.42 -33.14 -19.73
C ARG A 506 2.38 -33.74 -18.33
N LEU A 507 1.19 -34.09 -17.84
CA LEU A 507 1.10 -34.69 -16.51
C LEU A 507 1.74 -36.07 -16.48
N ALA A 508 1.56 -36.86 -17.53
CA ALA A 508 2.15 -38.20 -17.57
C ALA A 508 3.67 -38.13 -17.65
N LYS A 509 4.21 -37.19 -18.43
CA LYS A 509 5.66 -37.08 -18.54
C LYS A 509 6.28 -36.43 -17.32
N LEU A 510 5.56 -35.50 -16.67
CA LEU A 510 6.04 -34.93 -15.42
C LEU A 510 6.08 -35.98 -14.32
N ARG A 511 5.04 -36.82 -14.25
CA ARG A 511 5.07 -37.98 -13.36
C ARG A 511 6.22 -38.89 -13.70
N GLU A 512 6.48 -39.08 -15.00
CA GLU A 512 7.60 -39.92 -15.42
C GLU A 512 8.94 -39.28 -15.09
N LYS A 513 9.05 -37.96 -15.27
CA LYS A 513 10.34 -37.29 -15.08
C LYS A 513 10.76 -37.26 -13.62
N VAL A 514 9.80 -37.12 -12.69
CA VAL A 514 10.12 -37.03 -11.27
C VAL A 514 10.21 -38.40 -10.60
N GLY A 515 9.93 -39.48 -11.32
CA GLY A 515 10.07 -40.82 -10.80
C GLY A 515 8.93 -41.31 -9.94
N ASP A 516 7.76 -40.66 -9.99
CA ASP A 516 6.61 -41.06 -9.19
C ASP A 516 5.68 -41.94 -10.03
N THR A 517 6.20 -43.11 -10.40
CA THR A 517 5.53 -43.99 -11.34
C THR A 517 4.77 -45.14 -10.68
N ASP A 518 4.78 -45.22 -9.34
CA ASP A 518 3.90 -46.13 -8.59
C ASP A 518 4.17 -47.60 -8.89
N GLU A 519 5.46 -47.96 -9.06
CA GLU A 519 5.81 -49.37 -9.13
C GLU A 519 5.52 -50.06 -7.80
N LYS A 520 5.69 -49.33 -6.70
CA LYS A 520 5.46 -49.88 -5.37
C LYS A 520 3.99 -50.14 -5.08
N TYR A 521 3.10 -49.55 -5.86
CA TYR A 521 1.66 -49.62 -5.59
C TYR A 521 0.92 -50.02 -6.85
N PRO A 522 0.53 -51.30 -6.96
CA PRO A 522 -0.03 -51.81 -8.23
C PRO A 522 -1.43 -51.31 -8.52
N LYS A 523 -2.32 -51.38 -7.52
CA LYS A 523 -3.70 -50.94 -7.72
C LYS A 523 -3.76 -49.48 -8.16
N ILE A 524 -2.90 -48.63 -7.60
CA ILE A 524 -2.89 -47.21 -7.96
C ILE A 524 -2.28 -47.02 -9.34
N LYS A 525 -1.19 -47.73 -9.63
CA LYS A 525 -0.54 -47.58 -10.94
C LYS A 525 -1.50 -47.86 -12.08
N ALA A 526 -2.31 -48.92 -11.96
CA ALA A 526 -3.25 -49.27 -13.03
C ALA A 526 -4.27 -48.16 -13.24
N ILE A 527 -4.75 -47.54 -12.17
CA ILE A 527 -5.78 -46.51 -12.30
C ILE A 527 -5.21 -45.27 -12.98
N ILE A 528 -4.02 -44.84 -12.55
CA ILE A 528 -3.43 -43.63 -13.13
C ILE A 528 -2.95 -43.90 -14.55
N ASP A 529 -2.30 -45.04 -14.78
CA ASP A 529 -1.78 -45.34 -16.11
C ASP A 529 -2.89 -45.47 -17.13
N ASN A 530 -4.03 -46.05 -16.74
CA ASN A 530 -5.14 -46.24 -17.67
C ASN A 530 -5.90 -44.95 -17.92
N ALA A 531 -5.92 -44.03 -16.95
CA ALA A 531 -6.61 -42.76 -17.13
C ALA A 531 -5.79 -41.77 -17.95
N LEU A 532 -4.46 -41.88 -17.90
CA LEU A 532 -3.61 -40.98 -18.68
C LEU A 532 -3.52 -41.40 -20.14
N LYS A 533 -3.47 -42.72 -20.40
CA LYS A 533 -3.35 -43.21 -21.76
C LYS A 533 -4.69 -43.19 -22.48
N MET B 27 1.52 50.13 -14.43
CA MET B 27 0.65 49.97 -13.28
C MET B 27 1.35 49.14 -12.20
N ASN B 28 0.96 49.38 -10.96
CA ASN B 28 1.52 48.62 -9.84
C ASN B 28 0.91 47.22 -9.80
N VAL B 29 1.64 46.31 -9.15
CA VAL B 29 1.21 44.92 -9.01
C VAL B 29 1.37 44.51 -7.56
N ILE B 30 0.30 43.98 -6.96
CA ILE B 30 0.34 43.38 -5.64
C ILE B 30 -0.10 41.93 -5.79
N PHE B 31 0.82 41.00 -5.54
CA PHE B 31 0.56 39.57 -5.65
C PHE B 31 0.32 39.03 -4.24
N ILE B 32 -0.95 38.79 -3.90
CA ILE B 32 -1.34 38.29 -2.59
C ILE B 32 -1.55 36.79 -2.71
N MET B 33 -0.78 36.02 -1.94
CA MET B 33 -0.91 34.57 -1.92
C MET B 33 -0.99 34.09 -0.49
N SER B 34 -1.98 33.25 -0.20
CA SER B 34 -2.14 32.64 1.11
C SER B 34 -1.65 31.20 1.08
N ASP B 35 -1.43 30.65 2.28
CA ASP B 35 -0.84 29.34 2.46
C ASP B 35 -1.96 28.31 2.65
N ASP B 36 -2.13 27.42 1.67
CA ASP B 36 -3.13 26.35 1.72
C ASP B 36 -4.56 26.87 1.70
N HIS B 37 -4.79 28.10 1.26
CA HIS B 37 -6.14 28.61 1.11
C HIS B 37 -6.73 28.03 -0.17
N THR B 38 -7.63 27.05 -0.02
CA THR B 38 -8.18 26.33 -1.15
C THR B 38 -9.48 26.98 -1.63
N SER B 39 -9.87 26.63 -2.86
CA SER B 39 -10.97 27.32 -3.53
C SER B 39 -12.32 27.02 -2.89
N GLN B 40 -12.46 25.88 -2.21
CA GLN B 40 -13.73 25.59 -1.55
C GLN B 40 -14.02 26.59 -0.44
N ALA B 41 -12.97 27.10 0.20
CA ALA B 41 -13.11 28.02 1.32
C ALA B 41 -13.05 29.49 0.88
N ILE B 42 -13.52 29.78 -0.32
CA ILE B 42 -13.68 31.15 -0.79
C ILE B 42 -15.08 31.28 -1.36
N GLY B 43 -15.83 32.26 -0.86
CA GLY B 43 -17.24 32.37 -1.22
C GLY B 43 -17.48 32.53 -2.71
N ALA B 44 -16.60 33.27 -3.39
CA ALA B 44 -16.78 33.56 -4.80
C ALA B 44 -16.76 32.31 -5.69
N TYR B 45 -16.34 31.16 -5.15
CA TYR B 45 -16.31 29.93 -5.93
C TYR B 45 -17.56 29.08 -5.74
N GLY B 46 -18.41 29.41 -4.77
CA GLY B 46 -19.72 28.79 -4.66
C GLY B 46 -19.73 27.31 -4.34
N SER B 47 -18.89 26.88 -3.41
CA SER B 47 -18.90 25.49 -2.97
C SER B 47 -20.01 25.31 -1.94
N HIS B 48 -20.08 24.11 -1.34
CA HIS B 48 -21.03 23.87 -0.25
C HIS B 48 -20.69 24.68 1.00
N LEU B 49 -19.50 25.25 1.07
CA LEU B 49 -19.10 26.10 2.19
C LEU B 49 -19.45 27.56 1.98
N ALA B 50 -19.86 27.94 0.76
CA ALA B 50 -20.06 29.36 0.45
C ALA B 50 -21.15 30.00 1.31
N LYS B 51 -22.13 29.20 1.76
CA LYS B 51 -23.20 29.75 2.59
C LYS B 51 -22.70 30.22 3.94
N LEU B 52 -21.53 29.73 4.39
CA LEU B 52 -20.93 30.23 5.62
C LEU B 52 -20.37 31.64 5.47
N ASN B 53 -20.36 32.18 4.25
CA ASN B 53 -19.76 33.47 3.95
C ASN B 53 -18.33 33.56 4.50
N PRO B 54 -17.42 32.69 4.04
CA PRO B 54 -16.10 32.62 4.68
C PRO B 54 -15.19 33.78 4.32
N THR B 55 -15.33 34.35 3.13
CA THR B 55 -14.40 35.37 2.62
C THR B 55 -15.17 36.55 2.05
N PRO B 56 -15.83 37.34 2.89
CA PRO B 56 -16.58 38.49 2.36
C PRO B 56 -15.72 39.53 1.66
N ASN B 57 -14.55 39.85 2.22
CA ASN B 57 -13.69 40.86 1.61
C ASN B 57 -13.05 40.34 0.32
N ILE B 58 -12.62 39.08 0.31
CA ILE B 58 -12.08 38.50 -0.92
C ILE B 58 -13.15 38.46 -2.00
N ASP B 59 -14.38 38.12 -1.61
CA ASP B 59 -15.48 38.11 -2.57
C ASP B 59 -15.74 39.50 -3.14
N GLU B 60 -15.59 40.53 -2.30
CA GLU B 60 -15.78 41.90 -2.78
C GLU B 60 -14.73 42.27 -3.83
N LEU B 61 -13.49 41.83 -3.63
CA LEU B 61 -12.47 42.03 -4.66
C LEU B 61 -12.82 41.27 -5.92
N ALA B 62 -13.33 40.05 -5.79
CA ALA B 62 -13.71 39.26 -6.95
C ALA B 62 -14.91 39.86 -7.67
N SER B 63 -15.81 40.53 -6.94
CA SER B 63 -16.98 41.14 -7.56
C SER B 63 -16.61 42.26 -8.51
N ASP B 64 -15.37 42.76 -8.45
CA ASP B 64 -14.88 43.79 -9.36
C ASP B 64 -13.64 43.31 -10.11
N GLY B 65 -13.52 42.00 -10.30
CA GLY B 65 -12.39 41.44 -11.01
C GLY B 65 -12.74 40.19 -11.78
N VAL B 66 -11.75 39.34 -12.03
CA VAL B 66 -11.95 38.09 -12.77
C VAL B 66 -11.67 36.92 -11.82
N VAL B 67 -12.63 35.99 -11.75
CA VAL B 67 -12.46 34.76 -11.00
C VAL B 67 -12.14 33.65 -12.00
N PHE B 68 -10.97 33.04 -11.87
CA PHE B 68 -10.53 32.00 -12.78
C PHE B 68 -10.97 30.64 -12.23
N ASP B 69 -11.89 29.99 -12.93
CA ASP B 69 -12.46 28.72 -12.47
C ASP B 69 -11.57 27.53 -12.76
N ASN B 70 -10.57 27.68 -13.64
CA ASN B 70 -9.74 26.57 -14.07
C ASN B 70 -8.26 26.92 -13.97
N CYS B 71 -7.85 27.40 -12.80
CA CYS B 71 -6.44 27.63 -12.50
C CYS B 71 -5.91 26.45 -11.70
N PHE B 72 -4.78 25.91 -12.12
CA PHE B 72 -4.28 24.67 -11.55
C PHE B 72 -2.78 24.77 -11.25
N CYS B 73 -2.39 24.16 -10.15
CA CYS B 73 -0.96 24.02 -9.85
CA CYS B 73 -0.98 23.99 -9.81
C CYS B 73 -0.41 22.81 -10.58
N THR B 74 0.89 22.88 -10.89
CA THR B 74 1.57 21.81 -11.59
C THR B 74 2.27 20.84 -10.64
N ASN B 75 2.27 21.14 -9.34
CA ASN B 75 2.98 20.40 -8.31
C ASN B 75 2.49 20.95 -6.98
N SER B 76 1.54 20.26 -6.35
CA SER B 76 0.77 20.82 -5.24
CA SER B 76 0.77 20.83 -5.24
C SER B 76 1.52 20.67 -3.91
N ILE B 77 2.57 21.48 -3.76
CA ILE B 77 3.20 21.72 -2.47
C ILE B 77 3.81 23.12 -2.54
N SER B 78 4.05 23.71 -1.37
CA SER B 78 4.36 25.13 -1.30
C SER B 78 5.61 25.49 -2.08
N THR B 79 6.75 24.93 -1.68
CA THR B 79 8.02 25.32 -2.31
C THR B 79 8.07 25.06 -3.80
N PRO B 80 7.63 23.91 -4.33
CA PRO B 80 7.58 23.77 -5.80
C PRO B 80 6.61 24.74 -6.47
N SER B 81 5.44 24.97 -5.88
CA SER B 81 4.48 25.90 -6.47
C SER B 81 5.04 27.32 -6.47
N ARG B 82 5.61 27.76 -5.36
CA ARG B 82 6.20 29.09 -5.30
C ARG B 82 7.41 29.21 -6.21
N ALA B 83 8.07 28.08 -6.51
CA ALA B 83 9.13 28.12 -7.50
C ALA B 83 8.57 28.26 -8.91
N CYS B 84 7.44 27.60 -9.19
CA CYS B 84 6.83 27.72 -10.51
C CYS B 84 6.31 29.14 -10.75
N ILE B 85 5.78 29.78 -9.71
CA ILE B 85 5.30 31.15 -9.85
C ILE B 85 6.47 32.10 -10.12
N MET B 86 7.58 31.93 -9.40
CA MET B 86 8.71 32.82 -9.55
C MET B 86 9.44 32.62 -10.87
N THR B 87 9.51 31.38 -11.36
CA THR B 87 10.27 31.07 -12.56
C THR B 87 9.43 30.97 -13.82
N GLY B 88 8.12 30.78 -13.71
CA GLY B 88 7.33 30.51 -14.89
C GLY B 88 7.71 29.24 -15.60
N GLN B 89 8.31 28.29 -14.89
CA GLN B 89 8.80 27.05 -15.47
C GLN B 89 8.28 25.87 -14.67
N TYR B 90 8.19 24.72 -15.34
CA TYR B 90 7.82 23.48 -14.66
C TYR B 90 8.88 23.10 -13.64
N SER B 91 8.50 22.17 -12.75
CA SER B 91 9.39 21.80 -11.66
C SER B 91 10.63 21.07 -12.13
N HIS B 92 10.53 20.28 -13.21
CA HIS B 92 11.72 19.62 -13.74
C HIS B 92 12.66 20.57 -14.45
N HIS B 93 12.24 21.82 -14.68
CA HIS B 93 13.08 22.84 -15.29
C HIS B 93 13.70 23.78 -14.25
N ASN B 94 12.94 24.18 -13.22
CA ASN B 94 13.52 24.96 -12.15
C ASN B 94 14.20 24.10 -11.09
N GLU B 95 14.06 22.78 -11.17
CA GLU B 95 14.71 21.78 -10.33
C GLU B 95 14.19 21.78 -8.89
N VAL B 96 13.16 22.56 -8.59
CA VAL B 96 12.51 22.52 -7.28
C VAL B 96 11.39 21.50 -7.39
N LEU B 97 11.72 20.23 -7.18
CA LEU B 97 10.75 19.15 -7.30
C LEU B 97 9.91 19.01 -6.03
N THR B 98 10.52 19.16 -4.86
CA THR B 98 9.84 18.90 -3.59
C THR B 98 10.06 20.04 -2.60
N LEU B 99 9.61 19.85 -1.36
CA LEU B 99 9.92 20.77 -0.28
C LEU B 99 11.38 20.73 0.12
N ASP B 100 12.14 19.73 -0.34
CA ASP B 100 13.53 19.58 0.04
C ASP B 100 14.50 20.40 -0.82
N GLU B 101 14.08 20.83 -1.99
CA GLU B 101 14.97 21.56 -2.90
C GLU B 101 14.88 23.06 -2.67
N LYS B 102 15.97 23.75 -3.01
CA LYS B 102 16.01 25.21 -2.99
C LYS B 102 15.83 25.75 -4.40
N LEU B 103 15.47 27.03 -4.47
CA LEU B 103 15.47 27.77 -5.72
C LEU B 103 16.71 28.64 -5.79
N ASP B 104 17.46 28.51 -6.89
CA ASP B 104 18.66 29.32 -7.07
C ASP B 104 18.29 30.80 -7.10
N VAL B 105 19.21 31.62 -6.58
CA VAL B 105 18.98 33.07 -6.53
C VAL B 105 18.87 33.64 -7.94
N ASP B 106 19.73 33.19 -8.85
N ASP B 106 19.73 33.19 -8.85
CA ASP B 106 19.69 33.67 -10.23
CA ASP B 106 19.67 33.68 -10.23
C ASP B 106 18.42 33.26 -10.96
C ASP B 106 18.42 33.25 -10.97
N ARG B 107 17.63 32.34 -10.41
CA ARG B 107 16.38 31.90 -11.01
C ARG B 107 15.17 32.68 -10.53
N GLN B 108 15.38 33.78 -9.79
CA GLN B 108 14.29 34.64 -9.35
C GLN B 108 13.82 35.50 -10.53
N TYR B 109 13.26 34.83 -11.53
CA TYR B 109 12.99 35.46 -12.82
C TYR B 109 11.90 36.52 -12.72
N LEU B 110 10.81 36.21 -12.01
CA LEU B 110 9.66 37.11 -11.99
C LEU B 110 10.03 38.49 -11.45
N VAL B 111 10.79 38.54 -10.36
CA VAL B 111 11.16 39.82 -9.78
C VAL B 111 12.24 40.51 -10.60
N LYS B 112 13.13 39.74 -11.24
CA LYS B 112 14.16 40.36 -12.08
C LYS B 112 13.54 41.05 -13.29
N GLU B 113 12.52 40.44 -13.89
CA GLU B 113 11.86 41.05 -15.05
C GLU B 113 11.14 42.33 -14.67
N PHE B 114 10.64 42.43 -13.44
CA PHE B 114 9.93 43.64 -13.03
C PHE B 114 10.91 44.77 -12.72
N SER B 115 12.04 44.45 -12.10
CA SER B 115 13.09 45.46 -11.94
C SER B 115 13.63 45.91 -13.30
N LYS B 116 13.60 45.01 -14.29
CA LYS B 116 14.03 45.34 -15.64
C LYS B 116 13.17 46.46 -16.23
N MET B 117 11.90 46.54 -15.84
CA MET B 117 10.99 47.57 -16.32
C MET B 117 10.98 48.81 -15.45
N GLY B 118 11.90 48.92 -14.49
CA GLY B 118 11.99 50.09 -13.65
C GLY B 118 11.19 50.04 -12.37
N TYR B 119 10.62 48.89 -12.02
CA TYR B 119 9.84 48.78 -10.79
C TYR B 119 10.75 48.66 -9.58
N GLN B 120 10.28 49.17 -8.45
CA GLN B 120 10.84 48.82 -7.15
C GLN B 120 10.09 47.59 -6.65
N THR B 121 10.83 46.70 -5.97
CA THR B 121 10.32 45.37 -5.66
C THR B 121 10.38 45.11 -4.17
N ALA B 122 9.35 44.44 -3.66
CA ALA B 122 9.24 44.12 -2.25
C ALA B 122 8.68 42.71 -2.08
N MET B 123 9.19 41.99 -1.07
CA MET B 123 8.76 40.64 -0.76
C MET B 123 8.45 40.55 0.72
N VAL B 124 7.18 40.31 1.05
CA VAL B 124 6.71 40.34 2.43
C VAL B 124 5.97 39.05 2.74
N GLY B 125 6.35 38.40 3.85
CA GLY B 125 5.60 37.26 4.34
C GLY B 125 6.28 35.92 4.12
N LYS B 126 5.49 34.89 3.82
CA LYS B 126 6.05 33.56 3.64
C LYS B 126 6.83 33.47 2.32
N TRP B 127 8.08 33.05 2.41
CA TRP B 127 8.99 32.94 1.28
C TRP B 127 9.15 31.49 0.84
N HIS B 128 9.68 30.65 1.74
CA HIS B 128 9.71 29.19 1.55
C HIS B 128 10.46 28.78 0.29
N LEU B 129 11.40 29.60 -0.16
CA LEU B 129 12.27 29.26 -1.27
C LEU B 129 13.72 29.07 -0.83
N LYS B 130 13.97 29.10 0.48
CA LYS B 130 15.23 28.74 1.12
C LYS B 130 16.31 29.80 0.99
N ASN B 131 16.73 30.12 -0.23
CA ASN B 131 17.81 31.09 -0.39
C ASN B 131 17.27 32.51 -0.32
N GLU B 132 18.20 33.46 -0.19
CA GLU B 132 17.84 34.84 0.11
C GLU B 132 17.02 35.44 -1.03
N PRO B 133 16.00 36.25 -0.71
CA PRO B 133 15.32 37.02 -1.76
C PRO B 133 16.18 38.20 -2.22
N ALA B 134 17.39 37.90 -2.70
CA ALA B 134 18.38 38.93 -2.95
C ALA B 134 18.00 39.87 -4.10
N ASN B 135 17.13 39.43 -5.01
CA ASN B 135 16.76 40.25 -6.15
C ASN B 135 15.62 41.21 -5.86
N PHE B 136 15.10 41.23 -4.64
CA PHE B 136 14.13 42.22 -4.22
C PHE B 136 14.86 43.40 -3.59
N ASP B 137 14.37 44.61 -3.86
CA ASP B 137 14.90 45.79 -3.17
C ASP B 137 14.63 45.69 -1.68
N TYR B 138 13.45 45.20 -1.31
CA TYR B 138 13.05 45.07 0.09
C TYR B 138 12.49 43.67 0.30
N TYR B 139 12.91 43.02 1.39
CA TYR B 139 12.29 41.77 1.79
C TYR B 139 12.22 41.71 3.30
N LYS B 140 11.17 41.02 3.79
CA LYS B 140 10.94 40.80 5.22
C LYS B 140 10.09 39.53 5.30
N VAL B 141 10.76 38.40 5.46
CA VAL B 141 10.15 37.10 5.23
C VAL B 141 10.30 36.22 6.46
N LEU B 142 9.33 35.32 6.64
CA LEU B 142 9.38 34.34 7.71
C LEU B 142 10.54 33.36 7.49
N ASN B 143 11.09 32.87 8.59
CA ASN B 143 12.22 31.96 8.51
C ASN B 143 12.04 30.74 9.43
N GLY B 144 11.37 30.94 10.55
CA GLY B 144 11.26 29.87 11.53
C GLY B 144 10.37 28.73 11.05
N HIS B 145 10.52 27.59 11.73
CA HIS B 145 9.77 26.37 11.45
C HIS B 145 10.01 25.87 10.02
N GLY B 146 11.17 26.19 9.46
CA GLY B 146 11.50 25.78 8.11
C GLY B 146 10.94 26.68 7.04
N GLY B 147 10.93 27.98 7.26
CA GLY B 147 10.27 28.92 6.37
C GLY B 147 8.78 29.01 6.56
N GLN B 148 8.19 28.16 7.40
CA GLN B 148 6.75 28.22 7.65
C GLN B 148 6.38 29.30 8.64
N GLY B 149 7.34 29.80 9.41
CA GLY B 149 7.05 30.83 10.38
C GLY B 149 6.18 30.32 11.52
N GLU B 150 5.86 31.24 12.43
CA GLU B 150 5.05 30.96 13.59
C GLU B 150 3.79 31.82 13.55
N TYR B 151 2.69 31.27 14.06
CA TYR B 151 1.46 32.04 14.10
C TYR B 151 1.51 33.16 15.14
N PHE B 152 2.44 33.09 16.09
CA PHE B 152 2.49 34.03 17.19
C PHE B 152 3.92 34.52 17.39
N ASN B 153 4.06 35.84 17.49
CA ASN B 153 5.36 36.51 17.60
C ASN B 153 6.37 35.97 16.57
N PRO B 154 6.06 36.06 15.28
CA PRO B 154 6.94 35.47 14.28
C PRO B 154 8.19 36.30 14.07
N THR B 155 9.28 35.62 13.77
CA THR B 155 10.54 36.28 13.43
C THR B 155 10.66 36.40 11.92
N PHE B 156 11.39 37.42 11.48
CA PHE B 156 11.56 37.70 10.07
C PHE B 156 13.03 37.93 9.74
N LEU B 157 13.41 37.56 8.53
CA LEU B 157 14.69 37.92 7.95
C LEU B 157 14.46 39.06 6.97
N THR B 158 15.11 40.19 7.19
CA THR B 158 14.85 41.39 6.40
C THR B 158 16.15 42.13 6.12
N ASN B 159 16.23 42.74 4.94
CA ASN B 159 17.36 43.61 4.62
C ASN B 159 17.16 45.02 5.14
N GLU B 160 16.16 45.24 6.01
CA GLU B 160 16.13 46.46 6.81
C GLU B 160 17.39 46.58 7.65
N ILE B 161 17.89 45.44 8.13
CA ILE B 161 19.11 45.40 8.94
C ILE B 161 20.30 45.59 8.00
N SER B 162 20.98 46.73 8.12
CA SER B 162 22.19 46.98 7.37
C SER B 162 23.45 46.47 8.06
N ASN B 163 23.35 46.04 9.31
CA ASN B 163 24.49 45.58 10.08
C ASN B 163 24.75 44.09 9.94
N LYS B 164 23.84 43.34 9.33
CA LYS B 164 23.96 41.89 9.24
C LYS B 164 23.63 41.43 7.84
N GLU B 165 23.98 40.17 7.56
CA GLU B 165 23.73 39.54 6.27
C GLU B 165 22.82 38.33 6.44
N TRP B 166 22.17 37.97 5.33
CA TRP B 166 21.31 36.79 5.33
C TRP B 166 22.14 35.55 5.65
N PRO B 167 21.62 34.61 6.46
CA PRO B 167 20.29 34.68 7.09
C PRO B 167 20.34 35.01 8.58
N LYS B 168 21.17 35.98 8.97
CA LYS B 168 21.26 36.42 10.35
C LYS B 168 20.60 37.78 10.58
N ASN B 169 20.08 38.41 9.53
CA ASN B 169 19.41 39.70 9.65
C ASN B 169 17.98 39.49 10.12
N GLN B 170 17.86 39.12 11.40
CA GLN B 170 16.61 38.71 12.00
C GLN B 170 16.04 39.79 12.89
N VAL B 171 14.73 39.99 12.81
CA VAL B 171 13.99 40.85 13.73
C VAL B 171 12.84 40.05 14.32
N LYS B 172 12.43 40.44 15.52
CA LYS B 172 11.30 39.82 16.20
C LYS B 172 10.09 40.75 16.14
N THR B 173 8.90 40.16 16.18
CA THR B 173 7.65 40.90 16.17
C THR B 173 6.74 40.37 17.27
N ASN B 174 5.69 41.15 17.56
CA ASN B 174 4.69 40.79 18.54
C ASN B 174 3.33 40.71 17.85
N GLY B 175 2.58 39.66 18.15
CA GLY B 175 1.19 39.56 17.72
C GLY B 175 0.98 38.42 16.75
N TYR B 176 -0.24 38.36 16.22
CA TYR B 176 -0.64 37.28 15.32
C TYR B 176 -0.01 37.50 13.94
N SER B 177 0.35 36.38 13.30
CA SER B 177 1.14 36.45 12.06
C SER B 177 0.41 37.22 10.97
N SER B 178 -0.90 36.97 10.79
CA SER B 178 -1.64 37.64 9.73
C SER B 178 -1.72 39.14 9.98
N ASP B 179 -1.90 39.55 11.23
CA ASP B 179 -1.92 40.97 11.54
C ASP B 179 -0.55 41.60 11.34
N VAL B 180 0.51 40.91 11.78
CA VAL B 180 1.86 41.45 11.65
C VAL B 180 2.24 41.59 10.18
N ILE B 181 1.97 40.56 9.38
CA ILE B 181 2.37 40.58 7.97
C ILE B 181 1.63 41.67 7.22
N THR B 182 0.35 41.90 7.56
CA THR B 182 -0.39 42.98 6.93
C THR B 182 0.21 44.33 7.28
N ASN B 183 0.65 44.50 8.53
CA ASN B 183 1.25 45.76 8.93
C ASN B 183 2.60 45.99 8.26
N ILE B 184 3.37 44.92 8.04
CA ILE B 184 4.66 45.06 7.35
C ILE B 184 4.46 45.64 5.95
N THR B 185 3.46 45.12 5.22
CA THR B 185 3.20 45.61 3.87
C THR B 185 2.70 47.05 3.88
N ILE B 186 1.75 47.35 4.78
CA ILE B 186 1.22 48.71 4.86
C ILE B 186 2.31 49.69 5.27
N ASP B 187 3.19 49.27 6.18
CA ASP B 187 4.27 50.15 6.61
C ASP B 187 5.26 50.42 5.49
N TRP B 188 5.56 49.41 4.67
CA TRP B 188 6.45 49.62 3.55
C TRP B 188 5.83 50.56 2.52
N LEU B 189 4.54 50.39 2.23
CA LEU B 189 3.86 51.29 1.31
C LEU B 189 3.83 52.72 1.84
N LYS B 190 3.70 52.88 3.16
CA LYS B 190 3.60 54.21 3.77
C LYS B 190 4.95 54.91 3.82
N ASN B 191 5.98 54.22 4.35
CA ASN B 191 7.20 54.89 4.78
C ASN B 191 8.44 54.56 3.97
N ARG B 192 8.48 53.42 3.28
CA ARG B 192 9.66 53.03 2.52
C ARG B 192 9.50 53.15 1.01
N ARG B 193 8.29 52.94 0.50
CA ARG B 193 8.08 52.92 -0.94
C ARG B 193 8.35 54.30 -1.55
N ASP B 194 9.03 54.29 -2.70
CA ASP B 194 9.24 55.50 -3.49
C ASP B 194 7.97 55.76 -4.29
N LYS B 195 7.22 56.79 -3.90
CA LYS B 195 5.94 57.07 -4.54
C LYS B 195 6.07 57.54 -5.98
N ASN B 196 7.29 57.82 -6.44
CA ASN B 196 7.52 58.26 -7.82
C ASN B 196 7.84 57.12 -8.77
N LYS B 197 7.90 55.88 -8.27
CA LYS B 197 8.23 54.73 -9.10
C LYS B 197 7.18 53.64 -8.93
N PRO B 198 6.91 52.89 -10.00
CA PRO B 198 5.98 51.76 -9.87
C PRO B 198 6.57 50.66 -9.00
N PHE B 199 5.71 49.97 -8.26
CA PHE B 199 6.16 48.95 -7.34
C PHE B 199 5.55 47.59 -7.68
N PHE B 200 6.35 46.55 -7.43
CA PHE B 200 5.93 45.17 -7.54
C PHE B 200 6.09 44.53 -6.18
N LEU B 201 5.00 44.01 -5.63
CA LEU B 201 4.97 43.55 -4.24
C LEU B 201 4.30 42.19 -4.16
N MET B 202 4.97 41.24 -3.50
CA MET B 202 4.42 39.93 -3.22
C MET B 202 4.12 39.86 -1.72
N HIS B 203 2.84 39.65 -1.39
CA HIS B 203 2.33 39.73 -0.02
C HIS B 203 1.80 38.35 0.35
N HIS B 204 2.60 37.57 1.07
CA HIS B 204 2.34 36.15 1.29
C HIS B 204 1.99 35.89 2.75
N TYR B 205 0.81 35.34 2.99
CA TYR B 205 0.38 34.97 4.32
C TYR B 205 0.82 33.55 4.66
N LYS B 206 0.93 33.28 5.96
CA LYS B 206 1.24 31.95 6.46
C LYS B 206 -0.01 31.14 6.75
N ALA B 207 -1.10 31.79 7.12
CA ALA B 207 -2.38 31.13 7.28
C ALA B 207 -3.03 30.91 5.91
N PRO B 208 -3.99 29.98 5.81
CA PRO B 208 -4.46 29.00 6.80
C PRO B 208 -3.72 27.65 6.76
N HIS B 209 -2.48 27.64 7.23
CA HIS B 209 -1.65 26.45 7.26
C HIS B 209 -1.87 25.68 8.57
N ASP B 210 -1.70 24.36 8.51
CA ASP B 210 -1.82 23.54 9.71
C ASP B 210 -0.70 23.89 10.69
N MET B 211 -0.98 23.74 11.99
CA MET B 211 -2.23 23.17 12.50
C MET B 211 -3.28 24.21 12.86
N PHE B 212 -3.35 25.27 12.06
CA PHE B 212 -4.46 26.23 12.09
C PHE B 212 -4.59 26.87 13.47
N GLU B 213 -3.51 27.51 13.92
CA GLU B 213 -3.48 28.23 15.19
C GLU B 213 -4.01 29.64 14.94
N TYR B 214 -5.32 29.78 14.96
CA TYR B 214 -5.98 31.04 14.65
C TYR B 214 -5.74 32.07 15.74
N ALA B 215 -6.01 33.33 15.41
CA ALA B 215 -5.97 34.39 16.41
C ALA B 215 -7.04 34.13 17.47
N PRO B 216 -6.73 34.33 18.75
CA PRO B 216 -7.70 33.98 19.81
C PRO B 216 -9.01 34.73 19.73
N ARG B 217 -9.06 35.88 19.05
CA ARG B 217 -10.32 36.61 18.92
C ARG B 217 -11.35 35.86 18.08
N TYR B 218 -10.95 34.82 17.36
CA TYR B 218 -11.84 34.05 16.51
C TYR B 218 -12.23 32.70 17.12
N LYS B 219 -11.93 32.47 18.40
CA LYS B 219 -12.15 31.16 18.99
C LYS B 219 -13.61 30.74 18.93
N TYR B 220 -14.54 31.68 19.06
CA TYR B 220 -15.96 31.38 19.07
C TYR B 220 -16.63 31.66 17.74
N TYR B 221 -15.85 31.99 16.71
CA TYR B 221 -16.37 32.08 15.36
C TYR B 221 -16.79 30.71 14.87
N LEU B 222 -18.02 30.61 14.36
CA LEU B 222 -18.60 29.35 13.89
C LEU B 222 -18.70 28.30 15.00
N GLU B 223 -18.83 28.74 16.24
CA GLU B 223 -18.93 27.79 17.35
C GLU B 223 -20.26 27.05 17.33
N ASP B 224 -21.35 27.73 16.99
CA ASP B 224 -22.68 27.15 16.98
C ASP B 224 -23.20 26.88 15.57
N THR B 225 -22.31 26.88 14.58
CA THR B 225 -22.68 26.62 13.19
C THR B 225 -21.99 25.35 12.72
N GLU B 226 -22.76 24.46 12.09
CA GLU B 226 -22.21 23.23 11.54
C GLU B 226 -21.60 23.51 10.18
N VAL B 227 -20.32 23.21 10.01
CA VAL B 227 -19.71 23.24 8.69
C VAL B 227 -20.35 22.15 7.83
N PRO B 228 -20.86 22.47 6.64
CA PRO B 228 -21.46 21.43 5.80
C PRO B 228 -20.48 20.31 5.50
N VAL B 229 -20.96 19.08 5.60
CA VAL B 229 -20.13 17.88 5.46
C VAL B 229 -20.33 17.33 4.05
N PRO B 230 -19.26 17.03 3.32
CA PRO B 230 -19.42 16.35 2.03
C PRO B 230 -19.66 14.86 2.21
N GLU B 231 -20.51 14.30 1.34
CA GLU B 231 -20.77 12.86 1.38
C GLU B 231 -19.50 12.05 1.25
N SER B 232 -18.52 12.57 0.48
CA SER B 232 -17.29 11.83 0.22
C SER B 232 -16.47 11.60 1.48
N LEU B 233 -16.74 12.33 2.57
CA LEU B 233 -16.02 12.10 3.81
C LEU B 233 -16.21 10.67 4.30
N TYR B 234 -17.43 10.14 4.20
CA TYR B 234 -17.74 8.79 4.61
C TYR B 234 -17.78 7.80 3.46
N ASN B 235 -18.11 8.26 2.25
CA ASN B 235 -18.36 7.39 1.10
C ASN B 235 -17.21 7.52 0.12
N GLN B 236 -16.33 6.52 0.10
CA GLN B 236 -15.28 6.43 -0.91
C GLN B 236 -15.54 5.31 -1.92
N ASP B 237 -16.80 4.87 -2.04
CA ASP B 237 -17.15 3.77 -2.93
C ASP B 237 -16.91 4.19 -4.37
N GLY B 238 -16.02 3.46 -5.05
CA GLY B 238 -15.69 3.76 -6.44
C GLY B 238 -14.53 4.71 -6.62
N TRP B 239 -14.09 5.40 -5.58
CA TRP B 239 -12.96 6.30 -5.69
C TRP B 239 -11.65 5.55 -5.63
N GLY B 240 -10.64 6.09 -6.31
CA GLY B 240 -9.29 5.58 -6.19
C GLY B 240 -9.02 4.38 -7.10
N SER B 241 -7.96 3.67 -6.76
CA SER B 241 -7.51 2.53 -7.55
C SER B 241 -6.57 1.68 -6.70
N GLU B 242 -5.91 0.73 -7.35
CA GLU B 242 -4.90 -0.07 -6.66
C GLU B 242 -3.74 0.79 -6.19
N ALA B 243 -3.47 1.89 -6.87
CA ALA B 243 -2.33 2.74 -6.56
C ALA B 243 -2.56 3.62 -5.33
N THR B 244 -3.81 3.86 -4.95
CA THR B 244 -4.11 4.70 -3.81
C THR B 244 -4.77 3.95 -2.65
N ARG B 245 -5.34 2.78 -2.91
CA ARG B 245 -5.96 1.97 -1.86
C ARG B 245 -5.30 0.62 -1.67
N GLY B 246 -4.50 0.16 -2.63
CA GLY B 246 -3.99 -1.19 -2.61
C GLY B 246 -4.98 -2.18 -3.21
N LYS B 247 -4.45 -3.33 -3.59
CA LYS B 247 -5.28 -4.40 -4.15
C LYS B 247 -6.24 -4.90 -3.09
N ASN B 248 -7.53 -4.77 -3.36
CA ASN B 248 -8.60 -5.08 -2.39
C ASN B 248 -8.42 -4.29 -1.10
N ASP B 249 -7.95 -3.05 -1.23
CA ASP B 249 -7.83 -2.11 -0.11
C ASP B 249 -6.82 -2.58 0.93
N SER B 250 -5.74 -3.23 0.46
CA SER B 250 -4.71 -3.69 1.37
C SER B 250 -3.84 -2.56 1.92
N LEU B 251 -4.00 -1.33 1.40
CA LEU B 251 -3.13 -0.23 1.77
C LEU B 251 -3.89 1.01 2.23
N ARG B 252 -5.18 0.88 2.55
CA ARG B 252 -5.95 2.04 2.98
C ARG B 252 -5.51 2.55 4.34
N HIS B 253 -4.90 1.70 5.16
CA HIS B 253 -4.24 2.13 6.38
C HIS B 253 -2.88 2.76 6.12
N PHE B 254 -2.36 2.63 4.90
CA PHE B 254 -0.98 2.97 4.55
C PHE B 254 -0.87 4.25 3.74
N ILE B 255 -1.72 4.41 2.72
CA ILE B 255 -1.60 5.51 1.78
C ILE B 255 -2.64 6.57 2.10
N GLY B 256 -2.19 7.83 2.21
CA GLY B 256 -3.10 8.95 2.32
C GLY B 256 -3.60 9.23 3.73
N THR B 257 -3.02 10.24 4.38
CA THR B 257 -3.50 10.67 5.68
C THR B 257 -4.97 11.08 5.60
N SER B 258 -5.68 10.95 6.71
CA SER B 258 -7.13 10.94 6.70
C SER B 258 -7.71 11.88 7.75
N ILE B 259 -9.03 12.03 7.68
CA ILE B 259 -9.81 12.65 8.75
C ILE B 259 -10.24 11.62 9.78
N SER B 260 -10.81 10.51 9.29
CA SER B 260 -11.08 9.35 10.14
C SER B 260 -9.77 8.71 10.57
N ARG B 261 -9.88 7.67 11.40
CA ARG B 261 -8.72 6.86 11.78
C ARG B 261 -8.39 5.80 10.74
N ARG B 262 -8.76 6.03 9.47
CA ARG B 262 -8.43 5.09 8.42
C ARG B 262 -6.91 4.94 8.27
N HIS B 263 -6.18 6.04 8.33
CA HIS B 263 -4.73 5.98 8.20
C HIS B 263 -4.10 5.61 9.54
N GLU B 264 -3.09 4.74 9.48
CA GLU B 264 -2.54 4.13 10.67
C GLU B 264 -1.79 5.14 11.54
N ASN B 265 -1.08 6.09 10.92
CA ASN B 265 -0.11 6.90 11.64
C ASN B 265 -0.42 8.38 11.73
N ARG B 266 -1.25 8.94 10.84
CA ARG B 266 -1.58 10.36 10.92
C ARG B 266 -3.01 10.59 10.49
N SER B 267 -3.80 11.19 11.38
CA SER B 267 -5.18 11.54 11.08
C SER B 267 -5.61 12.64 12.04
N TYR B 268 -6.62 13.40 11.61
CA TYR B 268 -7.14 14.47 12.47
C TYR B 268 -7.89 13.91 13.67
N ALA B 269 -8.52 12.74 13.52
CA ALA B 269 -9.18 12.10 14.65
C ALA B 269 -8.17 11.75 15.75
N GLU B 270 -6.99 11.26 15.36
CA GLU B 270 -5.98 10.92 16.35
C GLU B 270 -5.25 12.16 16.87
N ASP B 271 -5.03 13.15 16.01
CA ASP B 271 -4.35 14.37 16.44
C ASP B 271 -5.19 15.14 17.45
N TYR B 272 -6.49 15.24 17.22
CA TYR B 272 -7.39 15.93 18.14
C TYR B 272 -7.79 15.06 19.33
N LYS B 273 -7.27 13.83 19.40
CA LYS B 273 -7.52 12.92 20.52
C LYS B 273 -9.02 12.72 20.75
N ILE B 274 -9.75 12.49 19.66
CA ILE B 274 -11.18 12.29 19.70
C ILE B 274 -11.46 10.79 19.72
N ASN B 275 -12.07 10.31 20.81
CA ASN B 275 -12.36 8.89 21.01
C ASN B 275 -13.71 8.80 21.70
N THR B 276 -14.78 8.80 20.91
CA THR B 276 -16.14 8.80 21.43
C THR B 276 -16.74 7.40 21.53
N GLY B 277 -16.11 6.40 20.93
CA GLY B 277 -16.67 5.08 20.83
C GLY B 277 -17.38 4.79 19.52
N ASP B 278 -17.79 5.84 18.81
CA ASP B 278 -18.37 5.71 17.47
C ASP B 278 -17.34 6.18 16.46
N PRO B 279 -16.84 5.31 15.58
CA PRO B 279 -15.80 5.74 14.64
C PRO B 279 -16.28 6.79 13.65
N LYS B 280 -17.52 6.70 13.20
CA LYS B 280 -18.06 7.70 12.28
C LYS B 280 -18.26 9.04 12.98
N LYS B 281 -18.69 9.00 14.25
CA LYS B 281 -18.80 10.23 15.02
C LYS B 281 -17.42 10.85 15.26
N ASP B 282 -16.40 10.01 15.45
CA ASP B 282 -15.04 10.50 15.54
C ASP B 282 -14.64 11.25 14.28
N THR B 283 -15.01 10.70 13.11
CA THR B 283 -14.71 11.37 11.85
C THR B 283 -15.44 12.69 11.74
N TYR B 284 -16.70 12.73 12.19
CA TYR B 284 -17.50 13.95 12.08
C TYR B 284 -16.90 15.07 12.93
N GLU B 285 -16.63 14.80 14.21
CA GLU B 285 -16.08 15.83 15.09
C GLU B 285 -14.70 16.26 14.63
N ALA B 286 -13.89 15.31 14.14
CA ALA B 286 -12.58 15.67 13.59
C ALA B 286 -12.73 16.57 12.38
N TYR B 287 -13.76 16.35 11.57
CA TYR B 287 -14.02 17.22 10.42
C TYR B 287 -14.41 18.62 10.88
N GLN B 288 -15.31 18.70 11.86
CA GLN B 288 -15.77 20.01 12.32
C GLN B 288 -14.63 20.81 12.95
N ARG B 289 -13.80 20.15 13.78
CA ARG B 289 -12.69 20.85 14.40
C ARG B 289 -11.66 21.28 13.35
N TYR B 290 -11.38 20.41 12.38
CA TYR B 290 -10.46 20.75 11.30
C TYR B 290 -10.99 21.94 10.50
N LEU B 291 -12.26 21.90 10.11
CA LEU B 291 -12.79 22.94 9.22
C LEU B 291 -12.97 24.26 9.95
N LYS B 292 -13.38 24.23 11.22
CA LYS B 292 -13.59 25.48 11.94
C LYS B 292 -12.27 26.15 12.28
N ASP B 293 -11.28 25.39 12.74
CA ASP B 293 -9.94 25.94 12.95
C ASP B 293 -9.38 26.50 11.65
N TYR B 294 -9.63 25.80 10.54
CA TYR B 294 -9.14 26.25 9.24
C TYR B 294 -9.82 27.56 8.83
N LEU B 295 -11.14 27.63 8.99
CA LEU B 295 -11.86 28.83 8.58
C LEU B 295 -11.60 29.99 9.52
N ARG B 296 -11.26 29.71 10.78
CA ARG B 296 -10.86 30.78 11.69
C ARG B 296 -9.57 31.45 11.23
N CYS B 297 -8.66 30.67 10.63
CA CYS B 297 -7.47 31.26 10.03
C CYS B 297 -7.81 31.99 8.74
N VAL B 298 -8.76 31.45 7.97
CA VAL B 298 -9.22 32.13 6.77
C VAL B 298 -9.87 33.46 7.13
N LYS B 299 -10.67 33.47 8.20
CA LYS B 299 -11.30 34.72 8.65
C LYS B 299 -10.26 35.76 9.01
N GLY B 300 -9.17 35.35 9.67
CA GLY B 300 -8.12 36.29 10.01
C GLY B 300 -7.46 36.92 8.81
N VAL B 301 -7.28 36.13 7.75
CA VAL B 301 -6.73 36.67 6.51
C VAL B 301 -7.72 37.65 5.87
N ASP B 302 -9.00 37.29 5.83
CA ASP B 302 -9.99 38.12 5.18
C ASP B 302 -10.18 39.44 5.92
N ASP B 303 -10.20 39.39 7.26
CA ASP B 303 -10.28 40.63 8.04
C ASP B 303 -9.07 41.51 7.80
N ASN B 304 -7.89 40.89 7.66
CA ASN B 304 -6.68 41.67 7.41
C ASN B 304 -6.70 42.30 6.03
N LEU B 305 -7.30 41.63 5.04
CA LEU B 305 -7.35 42.19 3.70
C LEU B 305 -8.21 43.45 3.64
N LYS B 306 -9.18 43.59 4.53
CA LYS B 306 -9.95 44.83 4.58
C LYS B 306 -9.06 45.99 5.01
N ARG B 307 -8.15 45.75 5.96
CA ARG B 307 -7.22 46.80 6.36
C ARG B 307 -6.26 47.17 5.23
N LEU B 308 -5.81 46.18 4.47
CA LEU B 308 -4.94 46.47 3.33
C LEU B 308 -5.69 47.18 2.22
N PHE B 309 -6.89 46.70 1.88
CA PHE B 309 -7.67 47.31 0.80
C PHE B 309 -8.12 48.71 1.16
N ASP B 310 -8.52 48.93 2.42
CA ASP B 310 -8.90 50.26 2.86
C ASP B 310 -7.74 51.24 2.75
N TYR B 311 -6.54 50.78 3.10
CA TYR B 311 -5.36 51.63 2.95
C TYR B 311 -5.08 51.93 1.49
N LEU B 312 -5.21 50.91 0.62
CA LEU B 312 -4.92 51.11 -0.80
C LEU B 312 -5.86 52.12 -1.43
N LYS B 313 -7.14 52.11 -1.01
CA LYS B 313 -8.09 53.07 -1.55
C LYS B 313 -7.84 54.47 -1.02
N LYS B 314 -7.48 54.57 0.26
CA LYS B 314 -7.31 55.88 0.89
C LYS B 314 -6.07 56.60 0.37
N GLU B 315 -5.05 55.85 -0.07
CA GLU B 315 -3.80 56.38 -0.60
CA GLU B 315 -3.83 56.44 -0.59
C GLU B 315 -3.84 56.59 -2.11
N GLY B 316 -4.95 56.25 -2.76
CA GLY B 316 -5.07 56.47 -4.19
C GLY B 316 -4.43 55.39 -5.04
N LEU B 317 -4.30 54.18 -4.52
CA LEU B 317 -3.65 53.09 -5.23
C LEU B 317 -4.65 52.08 -5.80
N TRP B 318 -5.95 52.25 -5.53
CA TRP B 318 -6.91 51.22 -5.89
C TRP B 318 -7.19 51.18 -7.39
N GLU B 319 -7.01 52.31 -8.08
CA GLU B 319 -7.35 52.39 -9.51
C GLU B 319 -6.12 52.33 -10.41
N ASN B 320 -4.92 52.11 -9.84
CA ASN B 320 -3.73 51.96 -10.66
C ASN B 320 -2.86 50.80 -10.22
N THR B 321 -3.38 49.90 -9.38
CA THR B 321 -2.65 48.72 -8.93
C THR B 321 -3.38 47.46 -9.35
N ILE B 322 -2.67 46.57 -10.03
CA ILE B 322 -3.21 45.24 -10.32
C ILE B 322 -3.07 44.39 -9.08
N ILE B 323 -4.17 43.79 -8.64
CA ILE B 323 -4.22 43.01 -7.41
C ILE B 323 -4.60 41.58 -7.74
N VAL B 324 -3.77 40.64 -7.29
CA VAL B 324 -4.00 39.21 -7.44
C VAL B 324 -4.21 38.60 -6.07
N TYR B 325 -5.20 37.73 -5.95
CA TYR B 325 -5.34 36.87 -4.78
C TYR B 325 -5.31 35.42 -5.24
N THR B 326 -4.48 34.63 -4.58
CA THR B 326 -4.36 33.22 -4.90
C THR B 326 -3.88 32.46 -3.67
N GLY B 327 -3.90 31.14 -3.77
CA GLY B 327 -3.25 30.27 -2.81
C GLY B 327 -2.18 29.47 -3.53
N ASP B 328 -1.12 29.13 -2.81
CA ASP B 328 0.00 28.44 -3.46
C ASP B 328 -0.44 27.09 -4.00
N GLN B 329 -1.35 26.40 -3.32
CA GLN B 329 -2.06 25.27 -3.89
C GLN B 329 -3.40 25.15 -3.18
N GLY B 330 -4.25 24.26 -3.69
CA GLY B 330 -5.47 23.89 -3.02
C GLY B 330 -5.17 22.93 -1.87
N MET B 331 -6.24 22.42 -1.28
CA MET B 331 -6.09 21.48 -0.17
C MET B 331 -7.35 20.64 -0.05
N MET B 332 -7.16 19.37 0.30
CA MET B 332 -8.29 18.50 0.59
C MET B 332 -8.86 18.84 1.97
N LEU B 333 -10.11 19.29 2.00
CA LEU B 333 -10.81 19.59 3.26
C LEU B 333 -11.72 18.44 3.67
N GLY B 334 -11.23 17.20 3.59
CA GLY B 334 -12.00 16.05 3.97
C GLY B 334 -12.68 15.31 2.83
N GLU B 335 -12.59 15.82 1.61
CA GLU B 335 -13.14 15.09 0.47
C GLU B 335 -12.42 13.75 0.30
N HIS B 336 -13.21 12.68 0.16
CA HIS B 336 -12.70 11.31 0.11
C HIS B 336 -11.88 10.95 1.34
N ASP B 337 -12.16 11.61 2.47
CA ASP B 337 -11.44 11.37 3.72
C ASP B 337 -9.93 11.58 3.53
N LEU B 338 -9.58 12.66 2.82
CA LEU B 338 -8.19 13.03 2.59
C LEU B 338 -7.90 14.37 3.24
N GLN B 339 -6.61 14.66 3.43
CA GLN B 339 -6.19 15.95 3.98
C GLN B 339 -4.92 16.40 3.24
N ASP B 340 -4.44 17.59 3.60
CA ASP B 340 -3.30 18.21 2.95
C ASP B 340 -3.52 18.36 1.46
N LYS B 341 -2.44 18.42 0.68
CA LYS B 341 -2.56 18.71 -0.73
C LYS B 341 -1.86 17.59 -1.49
N ARG B 342 -0.89 17.90 -2.36
CA ARG B 342 -0.04 16.92 -3.04
C ARG B 342 -0.81 16.08 -4.05
N TRP B 343 -2.01 15.63 -3.68
CA TRP B 343 -2.87 14.92 -4.61
C TRP B 343 -3.14 15.75 -5.86
N MET B 344 -3.38 15.05 -6.97
CA MET B 344 -3.84 15.70 -8.19
C MET B 344 -5.35 15.90 -8.20
N TYR B 345 -6.07 15.33 -7.23
CA TYR B 345 -7.52 15.52 -7.15
C TYR B 345 -7.84 17.02 -7.08
N ASP B 346 -8.98 17.38 -7.69
CA ASP B 346 -9.22 18.77 -8.08
C ASP B 346 -9.06 19.75 -6.93
N GLU B 347 -9.52 19.38 -5.74
CA GLU B 347 -9.51 20.32 -4.62
C GLU B 347 -8.10 20.73 -4.24
N SER B 348 -7.13 19.83 -4.37
CA SER B 348 -5.74 20.18 -4.13
C SER B 348 -5.03 20.66 -5.38
N MET B 349 -5.45 20.19 -6.56
CA MET B 349 -4.82 20.62 -7.80
C MET B 349 -5.23 22.04 -8.18
N ARG B 350 -6.49 22.40 -7.95
CA ARG B 350 -6.98 23.70 -8.34
C ARG B 350 -6.52 24.77 -7.36
N MET B 351 -6.03 25.87 -7.90
CA MET B 351 -5.73 27.06 -7.11
C MET B 351 -6.83 28.10 -7.29
N PRO B 352 -7.25 28.76 -6.22
CA PRO B 352 -8.05 29.97 -6.38
C PRO B 352 -7.19 31.07 -6.98
N PHE B 353 -7.76 31.79 -7.94
CA PHE B 353 -7.00 32.82 -8.67
C PHE B 353 -7.94 33.95 -9.05
N ILE B 354 -7.80 35.07 -8.37
CA ILE B 354 -8.65 36.25 -8.59
C ILE B 354 -7.75 37.42 -8.94
N VAL B 355 -8.08 38.12 -10.02
CA VAL B 355 -7.29 39.25 -10.50
C VAL B 355 -8.23 40.43 -10.74
N ARG B 356 -7.87 41.59 -10.20
CA ARG B 356 -8.60 42.83 -10.45
C ARG B 356 -7.66 43.78 -11.20
N ASP B 357 -7.93 43.97 -12.49
CA ASP B 357 -7.20 44.93 -13.30
C ASP B 357 -8.05 46.18 -13.41
N PRO B 358 -7.67 47.29 -12.77
CA PRO B 358 -8.52 48.50 -12.82
C PRO B 358 -8.68 49.09 -14.21
N LYS B 359 -7.74 48.84 -15.12
CA LYS B 359 -7.87 49.33 -16.48
C LYS B 359 -8.70 48.41 -17.38
N SER B 360 -9.06 47.23 -16.89
CA SER B 360 -9.78 46.25 -17.70
C SER B 360 -11.29 46.40 -17.51
N LYS B 361 -12.03 45.94 -18.52
CA LYS B 361 -13.49 45.94 -18.47
C LYS B 361 -14.05 44.62 -17.98
N GLN B 362 -13.24 43.58 -17.86
CA GLN B 362 -13.66 42.30 -17.29
C GLN B 362 -13.67 42.46 -15.77
N ARG B 363 -14.84 42.83 -15.25
CA ARG B 363 -14.99 43.11 -13.82
C ARG B 363 -16.25 42.42 -13.32
N GLY B 364 -16.08 41.52 -12.35
CA GLY B 364 -17.20 40.74 -11.87
C GLY B 364 -17.55 39.57 -12.77
N VAL B 365 -16.56 38.96 -13.40
CA VAL B 365 -16.76 37.89 -14.36
C VAL B 365 -16.03 36.64 -13.89
N HIS B 366 -16.35 35.52 -14.52
CA HIS B 366 -15.62 34.27 -14.37
C HIS B 366 -14.96 33.90 -15.69
N ASN B 367 -13.84 33.20 -15.61
CA ASN B 367 -13.11 32.76 -16.79
C ASN B 367 -12.73 31.30 -16.62
N ASP B 368 -12.97 30.50 -17.66
CA ASP B 368 -12.81 29.05 -17.58
C ASP B 368 -11.62 28.55 -18.39
N LEU B 369 -10.72 29.43 -18.80
CA LEU B 369 -9.56 29.02 -19.59
C LEU B 369 -8.55 28.29 -18.72
N MET B 370 -7.98 27.22 -19.26
CA MET B 370 -7.07 26.35 -18.51
C MET B 370 -5.75 27.07 -18.30
N ILE B 371 -5.50 27.56 -17.10
CA ILE B 371 -4.27 28.28 -16.79
C ILE B 371 -3.55 27.55 -15.66
N ASN B 372 -2.24 27.76 -15.61
CA ASN B 372 -1.37 27.19 -14.59
C ASN B 372 -0.66 28.31 -13.85
N ASN B 373 -0.02 27.94 -12.73
CA ASN B 373 0.78 28.92 -12.00
C ASN B 373 2.04 29.30 -12.75
N ILE B 374 2.54 28.44 -13.63
CA ILE B 374 3.68 28.79 -14.47
C ILE B 374 3.33 29.88 -15.47
N ASP B 375 2.04 30.12 -15.70
CA ASP B 375 1.59 31.19 -16.58
C ASP B 375 1.48 32.54 -15.88
N PHE B 376 1.60 32.57 -14.54
CA PHE B 376 1.42 33.81 -13.80
C PHE B 376 2.45 34.85 -14.23
N ALA B 377 3.72 34.47 -14.27
CA ALA B 377 4.80 35.43 -14.50
C ALA B 377 4.72 36.12 -15.86
N PRO B 378 4.65 35.41 -16.99
CA PRO B 378 4.54 36.14 -18.27
C PRO B 378 3.26 36.94 -18.39
N THR B 379 2.18 36.53 -17.72
CA THR B 379 0.93 37.29 -17.78
C THR B 379 1.05 38.61 -17.02
N LEU B 380 1.60 38.56 -15.81
CA LEU B 380 1.74 39.78 -15.01
C LEU B 380 2.73 40.75 -15.63
N ILE B 381 3.80 40.22 -16.22
CA ILE B 381 4.80 41.08 -16.87
C ILE B 381 4.16 41.86 -18.02
N GLU B 382 3.32 41.18 -18.82
CA GLU B 382 2.66 41.85 -19.93
C GLU B 382 1.59 42.82 -19.45
N LEU B 383 0.84 42.44 -18.42
CA LEU B 383 -0.15 43.35 -17.85
C LEU B 383 0.49 44.63 -17.35
N ALA B 384 1.72 44.55 -16.87
CA ALA B 384 2.45 45.72 -16.38
C ALA B 384 3.11 46.51 -17.51
N GLY B 385 3.08 46.01 -18.74
CA GLY B 385 3.63 46.71 -19.88
C GLY B 385 4.83 46.06 -20.53
N GLY B 386 5.18 44.83 -20.15
CA GLY B 386 6.32 44.13 -20.71
C GLY B 386 5.91 43.08 -21.72
N LYS B 387 6.85 42.19 -22.02
CA LYS B 387 6.64 41.10 -22.96
C LYS B 387 6.93 39.78 -22.26
N ALA B 388 6.17 38.75 -22.63
CA ALA B 388 6.31 37.43 -22.03
C ALA B 388 7.72 36.90 -22.26
N PRO B 389 8.47 36.58 -21.20
CA PRO B 389 9.84 36.07 -21.40
C PRO B 389 9.83 34.74 -22.15
N LYS B 390 10.72 34.63 -23.14
CA LYS B 390 10.73 33.47 -24.01
C LYS B 390 11.26 32.22 -23.31
N TYR B 391 12.11 32.40 -22.28
CA TYR B 391 12.73 31.26 -21.62
C TYR B 391 11.80 30.55 -20.65
N MET B 392 10.63 31.10 -20.36
CA MET B 392 9.70 30.48 -19.45
C MET B 392 8.81 29.48 -20.19
N ASP B 393 8.37 28.45 -19.46
CA ASP B 393 7.47 27.46 -20.05
C ASP B 393 6.04 27.99 -20.15
N GLY B 394 5.62 28.81 -19.20
CA GLY B 394 4.29 29.39 -19.26
C GLY B 394 4.21 30.55 -20.24
N LYS B 395 2.98 30.81 -20.69
CA LYS B 395 2.71 31.90 -21.60
C LYS B 395 1.72 32.87 -20.97
N SER B 396 1.56 34.02 -21.62
CA SER B 396 0.74 35.10 -21.07
C SER B 396 -0.71 34.93 -21.52
N PHE B 397 -1.64 34.96 -20.55
CA PHE B 397 -3.06 35.04 -20.84
C PHE B 397 -3.61 36.45 -20.59
N ALA B 398 -2.78 37.48 -20.80
CA ALA B 398 -3.22 38.85 -20.58
C ALA B 398 -4.34 39.29 -21.52
N ASP B 399 -4.49 38.63 -22.67
CA ASP B 399 -5.62 38.92 -23.55
C ASP B 399 -6.96 38.67 -22.87
N VAL B 400 -6.96 37.82 -21.83
CA VAL B 400 -8.17 37.61 -21.02
C VAL B 400 -8.75 38.95 -20.58
N PHE B 401 -7.89 39.88 -20.18
CA PHE B 401 -8.33 41.16 -19.64
C PHE B 401 -8.61 42.20 -20.73
N GLU B 402 -8.65 41.77 -21.99
CA GLU B 402 -9.19 42.59 -23.07
C GLU B 402 -10.33 41.87 -23.79
N GLY B 403 -10.96 40.90 -23.13
CA GLY B 403 -12.11 40.24 -23.70
C GLY B 403 -11.82 39.22 -24.76
N LYS B 404 -10.55 38.91 -25.03
CA LYS B 404 -10.18 37.99 -26.08
C LYS B 404 -9.56 36.72 -25.50
N THR B 405 -9.75 35.62 -26.21
CA THR B 405 -9.05 34.38 -25.86
C THR B 405 -7.62 34.44 -26.39
N PRO B 406 -6.62 34.14 -25.57
CA PRO B 406 -5.23 34.17 -26.06
C PRO B 406 -5.05 33.22 -27.24
N ALA B 407 -4.17 33.63 -28.15
CA ALA B 407 -3.99 32.89 -29.39
C ALA B 407 -3.37 31.54 -29.12
N ASN B 408 -4.00 30.47 -29.65
CA ASN B 408 -3.49 29.12 -29.59
C ASN B 408 -3.23 28.68 -28.15
N TRP B 409 -4.19 28.95 -27.27
CA TRP B 409 -4.01 28.59 -25.87
C TRP B 409 -4.36 27.13 -25.64
N LYS B 410 -3.71 26.55 -24.63
CA LYS B 410 -3.87 25.14 -24.32
C LYS B 410 -5.30 24.85 -23.86
N ASP B 411 -5.72 23.60 -24.07
CA ASP B 411 -6.95 23.07 -23.49
C ASP B 411 -6.68 21.88 -22.59
N GLU B 412 -5.46 21.77 -22.07
CA GLU B 412 -5.07 20.71 -21.16
C GLU B 412 -3.86 21.17 -20.37
N VAL B 413 -3.69 20.61 -19.16
CA VAL B 413 -2.61 21.00 -18.28
C VAL B 413 -1.90 19.75 -17.77
N TYR B 414 -0.61 19.90 -17.48
CA TYR B 414 0.25 18.82 -17.00
C TYR B 414 0.44 18.95 -15.49
N TYR B 415 0.52 17.79 -14.83
CA TYR B 415 0.70 17.75 -13.38
C TYR B 415 1.64 16.62 -13.01
N ARG B 416 2.46 16.84 -11.99
CA ARG B 416 3.31 15.80 -11.44
C ARG B 416 3.66 16.12 -9.99
N TYR B 417 3.49 15.13 -9.11
CA TYR B 417 3.89 15.22 -7.72
C TYR B 417 5.06 14.27 -7.51
N TRP B 418 6.20 14.81 -7.09
CA TRP B 418 7.43 14.03 -6.99
C TRP B 418 7.68 13.44 -5.61
N MET B 419 7.17 14.08 -4.55
CA MET B 419 7.60 13.77 -3.17
C MET B 419 6.88 12.51 -2.68
N HIS B 420 7.40 11.37 -3.12
CA HIS B 420 6.76 10.08 -2.83
C HIS B 420 6.71 9.81 -1.33
N MET B 421 5.49 9.63 -0.81
CA MET B 421 5.23 9.09 0.52
C MET B 421 5.60 10.02 1.67
N ILE B 422 6.53 10.95 1.44
CA ILE B 422 7.02 11.78 2.54
C ILE B 422 5.88 12.61 3.13
N HIS B 423 5.90 12.76 4.46
CA HIS B 423 4.98 13.61 5.22
C HIS B 423 3.57 13.06 5.31
N HIS B 424 2.95 12.73 4.18
CA HIS B 424 1.53 12.39 4.18
C HIS B 424 1.23 11.08 3.47
N ASP B 425 2.24 10.26 3.21
CA ASP B 425 2.06 8.92 2.63
C ASP B 425 1.22 8.97 1.36
N ILE B 426 1.64 9.83 0.43
CA ILE B 426 0.95 10.03 -0.83
C ILE B 426 1.88 9.59 -1.95
N PRO B 427 1.46 8.70 -2.84
CA PRO B 427 2.37 8.22 -3.88
C PRO B 427 2.62 9.28 -4.94
N ALA B 428 3.86 9.28 -5.46
CA ALA B 428 4.20 10.15 -6.56
C ALA B 428 3.37 9.79 -7.80
N HIS B 429 3.05 10.80 -8.61
CA HIS B 429 2.25 10.55 -9.80
C HIS B 429 2.40 11.69 -10.78
N ILE B 430 2.13 11.36 -12.04
CA ILE B 430 1.97 12.36 -13.10
C ILE B 430 0.50 12.34 -13.53
N GLY B 431 0.15 13.26 -14.41
CA GLY B 431 -1.23 13.30 -14.88
C GLY B 431 -1.43 14.40 -15.89
N ILE B 432 -2.63 14.38 -16.49
CA ILE B 432 -3.08 15.38 -17.44
C ILE B 432 -4.55 15.68 -17.16
N ARG B 433 -4.95 16.93 -17.32
CA ARG B 433 -6.32 17.33 -17.06
C ARG B 433 -6.81 18.23 -18.18
N THR B 434 -7.95 17.88 -18.75
CA THR B 434 -8.67 18.72 -19.70
C THR B 434 -9.92 19.26 -19.01
N LYS B 435 -10.75 19.97 -19.80
CA LYS B 435 -12.01 20.46 -19.27
C LYS B 435 -13.04 19.34 -19.09
N ASP B 436 -12.74 18.14 -19.55
CA ASP B 436 -13.68 17.02 -19.51
C ASP B 436 -13.18 15.80 -18.76
N TYR B 437 -11.87 15.55 -18.75
CA TYR B 437 -11.33 14.32 -18.19
C TYR B 437 -10.02 14.60 -17.46
N LYS B 438 -9.71 13.74 -16.50
CA LYS B 438 -8.45 13.77 -15.77
C LYS B 438 -7.89 12.36 -15.74
N LEU B 439 -6.70 12.18 -16.29
CA LEU B 439 -5.98 10.91 -16.23
C LEU B 439 -4.81 11.06 -15.28
N ILE B 440 -4.79 10.25 -14.23
CA ILE B 440 -3.70 10.22 -13.27
C ILE B 440 -2.93 8.92 -13.44
N LEU B 441 -1.60 9.01 -13.49
CA LEU B 441 -0.74 7.84 -13.52
C LEU B 441 0.14 7.86 -12.27
N PHE B 442 -0.15 6.97 -11.34
CA PHE B 442 0.68 6.81 -10.15
C PHE B 442 1.81 5.83 -10.47
N TYR B 443 3.05 6.30 -10.41
CA TYR B 443 4.20 5.43 -10.56
C TYR B 443 4.83 5.04 -9.22
N GLY B 444 4.43 5.71 -8.14
CA GLY B 444 4.73 5.29 -6.79
C GLY B 444 6.19 5.00 -6.46
N ARG B 445 7.09 5.93 -6.78
CA ARG B 445 8.49 5.76 -6.43
C ARG B 445 9.15 7.12 -6.29
N HIS B 446 10.15 7.18 -5.42
CA HIS B 446 10.94 8.39 -5.22
C HIS B 446 12.06 8.46 -6.25
N TYR B 447 12.37 9.69 -6.67
CA TYR B 447 13.42 9.90 -7.66
C TYR B 447 14.80 9.67 -7.09
N ASP B 448 14.97 9.75 -5.78
CA ASP B 448 16.24 9.53 -5.12
C ASP B 448 16.24 8.14 -4.49
N GLU B 449 17.11 7.26 -5.00
CA GLU B 449 17.14 5.88 -4.51
C GLU B 449 17.56 5.81 -3.05
N LYS B 450 18.43 6.72 -2.60
CA LYS B 450 18.84 6.73 -1.20
C LYS B 450 17.71 7.10 -0.27
N THR B 451 16.65 7.73 -0.78
CA THR B 451 15.48 8.06 0.02
C THR B 451 14.52 6.89 0.16
N MET B 452 14.55 5.93 -0.78
CA MET B 452 13.70 4.75 -0.66
C MET B 452 14.06 3.95 0.58
N GLY B 453 13.04 3.45 1.27
CA GLY B 453 13.24 2.69 2.49
C GLY B 453 13.40 3.51 3.74
N THR B 454 13.46 4.84 3.63
CA THR B 454 13.59 5.72 4.78
C THR B 454 12.21 5.96 5.41
N PRO B 455 12.17 6.43 6.66
CA PRO B 455 10.87 6.76 7.26
C PRO B 455 10.19 7.91 6.54
N SER B 456 8.88 7.79 6.35
CA SER B 456 8.12 8.84 5.69
C SER B 456 7.82 10.00 6.62
N MET B 457 7.67 9.74 7.92
CA MET B 457 7.34 10.76 8.90
C MET B 457 8.47 10.83 9.93
N TRP B 458 9.26 11.90 9.88
CA TRP B 458 10.44 12.00 10.73
C TRP B 458 10.07 12.08 12.21
N TRP B 459 8.88 12.58 12.52
CA TRP B 459 8.43 12.64 13.91
C TRP B 459 8.00 11.27 14.44
N LEU B 460 8.13 10.21 13.65
CA LEU B 460 7.87 8.84 14.09
C LEU B 460 9.01 7.91 13.71
N ARG B 461 10.20 8.45 13.48
CA ARG B 461 11.30 7.66 12.92
C ARG B 461 11.55 6.39 13.69
N ASP B 462 11.52 6.46 15.03
CA ASP B 462 11.65 5.29 15.87
C ASP B 462 10.33 4.85 16.50
N LYS B 463 9.26 5.63 16.32
CA LYS B 463 7.95 5.30 16.88
C LYS B 463 7.03 4.66 15.85
N GLY B 464 7.58 4.00 14.84
CA GLY B 464 6.79 3.20 13.92
C GLY B 464 6.22 3.93 12.72
N SER B 465 7.06 4.72 12.04
CA SER B 465 6.62 5.40 10.83
C SER B 465 6.62 4.45 9.64
N HIS B 466 5.79 4.77 8.65
CA HIS B 466 5.83 4.03 7.40
C HIS B 466 7.11 4.36 6.64
N LYS B 467 7.42 3.52 5.65
CA LYS B 467 8.65 3.64 4.89
C LYS B 467 8.35 4.13 3.48
N VAL B 468 9.31 4.86 2.91
CA VAL B 468 9.24 5.28 1.51
C VAL B 468 9.46 4.06 0.64
N VAL B 469 8.40 3.30 0.40
CA VAL B 469 8.48 2.05 -0.34
C VAL B 469 7.75 2.20 -1.66
N GLN B 470 8.02 1.26 -2.56
CA GLN B 470 7.33 1.22 -3.85
C GLN B 470 5.86 0.87 -3.63
N THR B 471 4.97 1.68 -4.21
CA THR B 471 3.53 1.47 -4.15
C THR B 471 3.01 1.06 -5.52
N PRO B 472 1.80 0.48 -5.59
CA PRO B 472 1.31 -0.05 -6.86
C PRO B 472 1.22 1.00 -7.96
N VAL B 473 1.43 0.55 -9.20
CA VAL B 473 1.35 1.40 -10.39
C VAL B 473 -0.01 1.18 -11.05
N ALA B 474 -0.74 2.26 -11.27
CA ALA B 474 -2.08 2.16 -11.84
C ALA B 474 -2.50 3.51 -12.40
N PHE B 475 -3.58 3.48 -13.18
CA PHE B 475 -4.19 4.66 -13.76
C PHE B 475 -5.48 5.02 -13.02
N GLU B 476 -5.84 6.29 -13.06
CA GLU B 476 -7.12 6.77 -12.57
C GLU B 476 -7.68 7.78 -13.56
N LEU B 477 -8.96 7.63 -13.89
CA LEU B 477 -9.61 8.48 -14.88
C LEU B 477 -10.97 8.90 -14.37
N TYR B 478 -11.30 10.19 -14.51
CA TYR B 478 -12.51 10.75 -13.94
C TYR B 478 -13.25 11.57 -14.98
N ASP B 479 -14.54 11.28 -15.14
CA ASP B 479 -15.43 12.04 -16.03
C ASP B 479 -15.80 13.34 -15.33
N LEU B 480 -15.10 14.42 -15.67
CA LEU B 480 -15.30 15.69 -14.98
C LEU B 480 -16.65 16.32 -15.27
N LYS B 481 -17.34 15.89 -16.33
CA LYS B 481 -18.66 16.42 -16.61
C LYS B 481 -19.73 15.74 -15.77
N LYS B 482 -19.78 14.41 -15.80
CA LYS B 482 -20.75 13.66 -15.02
C LYS B 482 -20.33 13.51 -13.56
N ASP B 483 -19.04 13.60 -13.26
CA ASP B 483 -18.52 13.37 -11.91
C ASP B 483 -17.48 14.43 -11.58
N PRO B 484 -17.92 15.68 -11.37
CA PRO B 484 -16.94 16.73 -11.05
C PRO B 484 -16.26 16.54 -9.70
N MET B 485 -16.94 15.89 -8.75
CA MET B 485 -16.36 15.63 -7.44
C MET B 485 -15.41 14.43 -7.43
N GLU B 486 -15.19 13.80 -8.58
CA GLU B 486 -14.23 12.70 -8.72
C GLU B 486 -14.54 11.55 -7.77
N MET B 487 -15.80 11.10 -7.80
CA MET B 487 -16.25 10.02 -6.93
C MET B 487 -16.01 8.63 -7.51
N LYS B 488 -15.86 8.51 -8.83
CA LYS B 488 -15.82 7.21 -9.49
C LYS B 488 -14.65 7.16 -10.47
N ASN B 489 -13.68 6.30 -10.19
CA ASN B 489 -12.61 6.00 -11.14
C ASN B 489 -13.16 5.07 -12.22
N VAL B 490 -13.16 5.56 -13.46
CA VAL B 490 -13.75 4.83 -14.58
C VAL B 490 -12.68 4.27 -15.52
N ALA B 491 -11.45 4.14 -15.03
CA ALA B 491 -10.36 3.65 -15.88
C ALA B 491 -10.55 2.20 -16.31
N ASN B 492 -11.33 1.43 -15.56
CA ASN B 492 -11.64 0.05 -15.94
C ASN B 492 -13.05 -0.11 -16.48
N ASP B 493 -13.85 0.95 -16.49
CA ASP B 493 -15.15 0.93 -17.11
C ASP B 493 -14.98 0.74 -18.62
N PRO B 494 -15.47 -0.36 -19.20
CA PRO B 494 -15.21 -0.63 -20.61
C PRO B 494 -15.78 0.41 -21.57
N GLU B 495 -16.83 1.13 -21.17
CA GLU B 495 -17.35 2.20 -22.01
C GLU B 495 -16.40 3.39 -22.10
N TYR B 496 -15.39 3.45 -21.23
CA TYR B 496 -14.37 4.49 -21.27
C TYR B 496 -13.06 4.00 -21.86
N LYS B 497 -13.04 2.79 -22.45
CA LYS B 497 -11.79 2.21 -22.94
C LYS B 497 -11.17 3.06 -24.04
N ASP B 498 -11.99 3.75 -24.84
CA ASP B 498 -11.44 4.61 -25.88
C ASP B 498 -10.96 5.93 -25.31
N VAL B 499 -11.70 6.51 -24.36
CA VAL B 499 -11.25 7.72 -23.68
C VAL B 499 -9.94 7.44 -22.95
N LEU B 500 -9.84 6.28 -22.30
CA LEU B 500 -8.61 5.92 -21.61
C LEU B 500 -7.42 5.86 -22.56
N LYS B 501 -7.60 5.24 -23.72
CA LYS B 501 -6.52 5.16 -24.69
C LYS B 501 -6.16 6.54 -25.24
N ASP B 502 -7.16 7.38 -25.50
CA ASP B 502 -6.89 8.73 -25.99
C ASP B 502 -6.17 9.55 -24.94
N MET B 503 -6.63 9.50 -23.69
CA MET B 503 -6.01 10.28 -22.63
C MET B 503 -4.58 9.79 -22.35
N LYS B 504 -4.33 8.48 -22.53
CA LYS B 504 -2.97 7.98 -22.37
C LYS B 504 -2.03 8.57 -23.42
N VAL B 505 -2.54 8.77 -24.64
CA VAL B 505 -1.71 9.34 -25.70
C VAL B 505 -1.46 10.82 -25.45
N ARG B 506 -2.51 11.54 -25.02
CA ARG B 506 -2.34 12.97 -24.71
C ARG B 506 -1.39 13.19 -23.56
N LEU B 507 -1.37 12.27 -22.58
CA LEU B 507 -0.46 12.40 -21.46
C LEU B 507 0.99 12.16 -21.89
N ALA B 508 1.24 11.03 -22.57
CA ALA B 508 2.60 10.73 -23.01
C ALA B 508 3.12 11.78 -23.98
N LYS B 509 2.25 12.34 -24.82
CA LYS B 509 2.67 13.41 -25.70
C LYS B 509 3.07 14.66 -24.90
N LEU B 510 2.23 15.06 -23.96
CA LEU B 510 2.50 16.27 -23.18
C LEU B 510 3.75 16.08 -22.31
N ARG B 511 3.92 14.90 -21.72
CA ARG B 511 5.12 14.63 -20.93
C ARG B 511 6.37 14.72 -21.80
N GLU B 512 6.31 14.19 -23.02
CA GLU B 512 7.44 14.30 -23.94
C GLU B 512 7.68 15.75 -24.36
N LYS B 513 6.60 16.49 -24.62
CA LYS B 513 6.75 17.82 -25.19
C LYS B 513 7.36 18.80 -24.19
N VAL B 514 6.94 18.74 -22.92
CA VAL B 514 7.47 19.66 -21.91
C VAL B 514 8.82 19.21 -21.37
N GLY B 515 9.32 18.05 -21.79
CA GLY B 515 10.66 17.63 -21.43
C GLY B 515 10.79 16.87 -20.13
N ASP B 516 9.70 16.35 -19.58
CA ASP B 516 9.72 15.64 -18.31
C ASP B 516 9.86 14.13 -18.55
N THR B 517 10.96 13.75 -19.17
CA THR B 517 11.14 12.41 -19.70
C THR B 517 11.99 11.50 -18.81
N ASP B 518 12.46 11.99 -17.66
CA ASP B 518 13.04 11.15 -16.61
C ASP B 518 14.32 10.44 -17.07
N GLU B 519 15.13 11.13 -17.87
CA GLU B 519 16.43 10.56 -18.23
C GLU B 519 17.31 10.35 -17.00
N LYS B 520 17.30 11.33 -16.09
CA LYS B 520 18.13 11.25 -14.88
C LYS B 520 17.63 10.19 -13.91
N TYR B 521 16.38 9.73 -14.06
CA TYR B 521 15.76 8.81 -13.12
C TYR B 521 15.33 7.56 -13.89
N PRO B 522 16.23 6.59 -14.05
CA PRO B 522 15.95 5.50 -14.99
C PRO B 522 14.89 4.53 -14.53
N LYS B 523 14.84 4.20 -13.24
CA LYS B 523 13.83 3.26 -12.76
C LYS B 523 12.44 3.85 -12.85
N ILE B 524 12.31 5.17 -12.60
CA ILE B 524 11.02 5.82 -12.75
C ILE B 524 10.64 5.92 -14.24
N LYS B 525 11.63 6.25 -15.09
CA LYS B 525 11.38 6.28 -16.52
C LYS B 525 10.92 4.93 -17.05
N ALA B 526 11.44 3.85 -16.48
CA ALA B 526 11.00 2.51 -16.89
C ALA B 526 9.55 2.26 -16.50
N ILE B 527 9.13 2.74 -15.34
CA ILE B 527 7.76 2.51 -14.89
C ILE B 527 6.78 3.33 -15.71
N ILE B 528 7.08 4.61 -15.95
CA ILE B 528 6.13 5.50 -16.61
C ILE B 528 6.02 5.17 -18.09
N ASP B 529 7.15 4.93 -18.76
CA ASP B 529 7.12 4.59 -20.18
C ASP B 529 6.36 3.30 -20.43
N ASN B 530 6.65 2.27 -19.62
CA ASN B 530 5.96 0.99 -19.76
C ASN B 530 4.45 1.14 -19.55
N ALA B 531 4.04 1.90 -18.54
CA ALA B 531 2.62 2.03 -18.23
C ALA B 531 1.86 2.74 -19.35
N LEU B 532 2.53 3.61 -20.10
CA LEU B 532 1.89 4.33 -21.19
C LEU B 532 1.94 3.57 -22.52
N LYS B 533 2.73 2.51 -22.60
CA LYS B 533 2.86 1.74 -23.84
C LYS B 533 1.97 0.50 -23.81
C1 GAL C . -4.56 -36.48 15.44
C2 GAL C . -5.40 -35.36 14.84
C3 GAL C . -4.85 -34.91 13.49
C4 GAL C . -3.38 -34.54 13.65
C5 GAL C . -2.61 -35.72 14.25
C6 GAL C . -1.15 -35.34 14.47
O1 GAL C . -5.02 -36.75 16.76
O2 GAL C . -6.75 -35.80 14.69
O3 GAL C . -5.58 -33.77 13.04
O4 GAL C . -3.26 -33.41 14.52
O5 GAL C . -3.17 -36.12 15.49
O6 GAL C . -0.51 -35.09 13.22
O1S L6S C . -1.14 -30.89 8.67
O2S L6S C . -0.47 -30.51 10.90
O3S L6S C . -1.39 -28.57 9.62
C1 L6S C . -5.94 -33.94 11.66
C2 L6S C . -7.17 -33.09 11.38
C3 L6S C . -6.87 -31.61 11.59
C4 L6S C . -5.67 -31.21 10.74
C5 L6S C . -4.49 -32.16 10.97
C6 L6S C . -3.37 -31.82 10.00
O2 L6S C . -8.24 -33.49 12.24
O3 L6S C . -8.00 -30.82 11.21
O4 L6S C . -6.02 -31.22 9.35
O5 L6S C . -4.88 -33.52 10.80
O6 L6S C . -2.82 -30.57 10.40
S1 L6S C . -1.43 -30.18 9.89
C1 GAL D . 9.06 19.69 8.51
C2 GAL D . 7.54 19.51 8.56
C3 GAL D . 6.95 19.62 7.16
C4 GAL D . 7.37 20.95 6.55
C5 GAL D . 8.87 21.14 6.59
C6 GAL D . 9.25 22.55 6.14
O1 GAL D . 9.57 19.66 9.84
O2 GAL D . 7.23 18.23 9.12
O3 GAL D . 5.52 19.55 7.26
O4 GAL D . 6.72 22.03 7.24
O5 GAL D . 9.39 20.94 7.91
O6 GAL D . 8.66 22.83 4.87
O1S L6S D . 3.70 22.69 1.38
O2S L6S D . 2.05 24.22 2.51
O3S L6S D . 4.50 24.23 2.98
C1 L6S D . 5.01 18.67 6.26
C2 L6S D . 3.64 18.16 6.71
C3 L6S D . 2.66 19.33 6.79
C4 L6S D . 2.60 20.04 5.45
C5 L6S D . 4.00 20.44 5.02
C6 L6S D . 3.97 21.07 3.64
O2 L6S D . 3.75 17.54 7.99
O3 L6S D . 1.35 18.84 7.12
O4 L6S D . 2.03 19.18 4.46
O5 L6S D . 4.88 19.31 4.99
O6 L6S D . 3.29 22.32 3.75
S1 L6S D . 3.42 23.35 2.63
CA CA E . -0.06 -26.91 8.52
NA NA F . 2.32 -20.31 17.96
CA CA G . 1.00 25.85 1.07
NA NA H . -0.36 34.70 8.37
#